data_5VNX
#
_entry.id   5VNX
#
_cell.length_a   177.530
_cell.length_b   262.090
_cell.length_c   65.340
_cell.angle_alpha   90.000
_cell.angle_beta   90.000
_cell.angle_gamma   90.000
#
_symmetry.space_group_name_H-M   'C 2 2 2'
#
loop_
_entity.id
_entity.type
_entity.pdbx_description
1 polymer '8-amino-7-oxononanoate synthase'
2 non-polymer BENZAMIDINE
3 non-polymer 1,2-ETHANEDIOL
4 non-polymer 'SULFATE ION'
5 water water
#
_entity_poly.entity_id   1
_entity_poly.type   'polypeptide(L)'
_entity_poly.pdbx_seq_one_letter_code
;MNLLDTLQRGLADLDAQGLRRVRRTADSACDAHMTVNGREIVGFASNDYLGLAAHPKLVAAFAEGAQRYGSGSGGSHLLG
GHSRAHAKLEDELAGFAGGFSDAPRALYFSTGYMANLAAVTALAGKDATIFSDALNHASLIDGTRLSRATVQVYPHADTA
TLGALLEACTSQTKLIVTDTVFSMDGDIAPLAELLALAERHGAWLVVDDAHGFGVLGPQGRGALAAAALRSPHLVYVGTL
G(9EV)AAGVAGAFVVAHETVIEWLIQRARSYIFTTAAPPAVAHAVSASLKVIAGDEGDARRAHLAALIERTRALLRRTR
WQPVDSHTAVQPLVIGSNEATLAAMRALDAHGLWVPAIRPPTVPAGTSRLRISLSAAHSFDDLARLETALLRASEEA
;
_entity_poly.pdbx_strand_id   A,B,C
#
# COMPACT_ATOMS: atom_id res chain seq x y z
N MET A 1 -6.42 -23.52 -40.79
CA MET A 1 -7.73 -24.04 -40.44
C MET A 1 -7.65 -25.07 -39.30
N ASN A 2 -6.58 -25.88 -39.27
CA ASN A 2 -6.51 -26.94 -38.25
C ASN A 2 -6.50 -26.36 -36.84
N LEU A 3 -5.82 -25.22 -36.64
CA LEU A 3 -5.83 -24.61 -35.32
C LEU A 3 -7.22 -24.13 -34.95
N LEU A 4 -7.91 -23.47 -35.89
CA LEU A 4 -9.25 -23.00 -35.56
C LEU A 4 -10.22 -24.16 -35.44
N ASP A 5 -10.04 -25.22 -36.23
CA ASP A 5 -10.97 -26.35 -36.13
C ASP A 5 -10.87 -27.04 -34.77
N THR A 6 -9.67 -27.12 -34.20
CA THR A 6 -9.53 -27.70 -32.87
C THR A 6 -10.31 -26.91 -31.83
N LEU A 7 -10.21 -25.58 -31.88
CA LEU A 7 -11.00 -24.77 -30.95
C LEU A 7 -12.50 -24.96 -31.20
N GLN A 8 -12.92 -25.03 -32.48
CA GLN A 8 -14.34 -25.24 -32.79
C GLN A 8 -14.84 -26.55 -32.19
N ARG A 9 -14.03 -27.61 -32.27
CA ARG A 9 -14.46 -28.87 -31.67
C ARG A 9 -14.54 -28.74 -30.16
N GLY A 10 -13.61 -27.98 -29.57
CA GLY A 10 -13.68 -27.76 -28.13
C GLY A 10 -14.95 -27.04 -27.70
N LEU A 11 -15.34 -26.02 -28.48
CA LEU A 11 -16.57 -25.30 -28.17
C LEU A 11 -17.77 -26.22 -28.28
N ALA A 12 -17.81 -27.04 -29.33
CA ALA A 12 -18.91 -27.97 -29.49
C ALA A 12 -18.96 -28.96 -28.33
N ASP A 13 -17.79 -29.40 -27.86
CA ASP A 13 -17.75 -30.33 -26.73
CA ASP A 13 -17.77 -30.33 -26.74
C ASP A 13 -18.30 -29.69 -25.47
N LEU A 14 -17.92 -28.43 -25.21
CA LEU A 14 -18.47 -27.72 -24.05
C LEU A 14 -19.98 -27.63 -24.13
N ASP A 15 -20.51 -27.27 -25.31
CA ASP A 15 -21.95 -27.22 -25.53
CA ASP A 15 -21.96 -27.18 -25.42
C ASP A 15 -22.61 -28.54 -25.13
N ALA A 16 -22.03 -29.62 -25.64
CA ALA A 16 -22.64 -30.94 -25.43
C ALA A 16 -22.62 -31.34 -23.97
N GLN A 17 -21.66 -30.85 -23.21
CA GLN A 17 -21.55 -31.14 -21.80
C GLN A 17 -22.42 -30.24 -20.94
N GLY A 18 -23.11 -29.27 -21.54
CA GLY A 18 -23.89 -28.33 -20.77
C GLY A 18 -23.06 -27.27 -20.11
N LEU A 19 -21.91 -26.93 -20.68
CA LEU A 19 -20.95 -26.03 -20.04
C LEU A 19 -20.79 -24.72 -20.80
N ARG A 20 -21.59 -24.46 -21.83
CA ARG A 20 -21.42 -23.21 -22.57
C ARG A 20 -21.78 -22.01 -21.71
N ARG A 21 -20.88 -21.03 -21.68
CA ARG A 21 -21.05 -19.77 -20.96
C ARG A 21 -21.52 -18.69 -21.92
N VAL A 22 -22.42 -17.85 -21.43
CA VAL A 22 -23.06 -16.81 -22.24
C VAL A 22 -23.10 -15.53 -21.41
N ARG A 23 -22.47 -14.48 -21.92
CA ARG A 23 -22.55 -13.18 -21.27
C ARG A 23 -23.93 -12.55 -21.49
N ARG A 24 -24.39 -11.80 -20.51
CA ARG A 24 -25.54 -10.92 -20.65
C ARG A 24 -25.04 -9.49 -20.51
N THR A 25 -25.75 -8.55 -21.11
CA THR A 25 -25.26 -7.17 -21.18
C THR A 25 -26.16 -6.24 -20.36
N ALA A 26 -25.57 -5.54 -19.39
CA ALA A 26 -26.34 -4.60 -18.57
C ALA A 26 -26.47 -3.26 -19.28
N ASP A 27 -27.70 -2.77 -19.38
CA ASP A 27 -27.95 -1.48 -19.97
CA ASP A 27 -27.93 -1.46 -19.98
C ASP A 27 -28.11 -0.35 -18.96
N SER A 28 -28.10 -0.66 -17.67
CA SER A 28 -28.20 0.35 -16.63
C SER A 28 -27.18 -0.05 -15.57
N ALA A 29 -26.98 0.82 -14.59
CA ALA A 29 -26.01 0.55 -13.54
C ALA A 29 -26.38 -0.71 -12.75
N CYS A 30 -25.34 -1.35 -12.21
CA CYS A 30 -25.54 -2.48 -11.31
C CYS A 30 -26.38 -2.07 -10.10
N ASP A 31 -27.49 -2.76 -9.88
CA ASP A 31 -28.43 -2.39 -8.82
C ASP A 31 -29.39 -3.57 -8.64
N ALA A 32 -30.17 -3.55 -7.57
CA ALA A 32 -31.13 -4.64 -7.36
C ALA A 32 -32.11 -4.75 -8.53
N HIS A 33 -32.65 -3.62 -8.97
CA HIS A 33 -33.49 -3.57 -10.17
C HIS A 33 -32.64 -2.94 -11.27
N MET A 34 -32.52 -3.62 -12.39
N MET A 34 -32.47 -3.69 -12.37
CA MET A 34 -31.70 -3.06 -13.47
CA MET A 34 -31.56 -3.36 -13.46
C MET A 34 -32.14 -3.66 -14.80
C MET A 34 -32.26 -3.52 -14.81
N THR A 35 -31.56 -3.13 -15.88
CA THR A 35 -31.93 -3.49 -17.25
C THR A 35 -30.83 -4.37 -17.81
N VAL A 36 -31.18 -5.58 -18.26
CA VAL A 36 -30.19 -6.55 -18.74
C VAL A 36 -30.76 -7.16 -20.00
N ASN A 37 -29.96 -7.17 -21.07
CA ASN A 37 -30.46 -7.61 -22.38
C ASN A 37 -31.78 -6.93 -22.71
N GLY A 38 -31.88 -5.64 -22.38
CA GLY A 38 -33.04 -4.87 -22.80
C GLY A 38 -34.28 -5.13 -21.97
N ARG A 39 -34.19 -5.95 -20.93
CA ARG A 39 -35.36 -6.28 -20.12
C ARG A 39 -35.12 -5.83 -18.68
N GLU A 40 -36.21 -5.42 -18.02
CA GLU A 40 -36.13 -5.05 -16.61
C GLU A 40 -36.13 -6.31 -15.76
N ILE A 41 -35.16 -6.45 -14.86
CA ILE A 41 -35.01 -7.64 -14.02
C ILE A 41 -34.75 -7.23 -12.58
N VAL A 42 -34.97 -8.18 -11.68
CA VAL A 42 -34.39 -8.13 -10.35
C VAL A 42 -33.15 -9.02 -10.40
N GLY A 43 -31.99 -8.42 -10.16
CA GLY A 43 -30.72 -9.12 -10.31
C GLY A 43 -30.22 -9.69 -9.00
N PHE A 44 -29.88 -10.99 -9.02
CA PHE A 44 -29.17 -11.63 -7.91
C PHE A 44 -27.85 -12.21 -8.38
N ALA A 45 -27.27 -11.62 -9.43
CA ALA A 45 -26.05 -12.16 -10.01
C ALA A 45 -24.80 -11.47 -9.49
N SER A 46 -24.84 -10.18 -9.19
CA SER A 46 -23.64 -9.40 -8.91
C SER A 46 -23.12 -9.65 -7.50
N ASN A 47 -21.89 -9.18 -7.22
CA ASN A 47 -21.32 -9.22 -5.87
C ASN A 47 -21.44 -7.88 -5.16
N ASP A 48 -22.48 -7.11 -5.47
CA ASP A 48 -22.62 -5.74 -4.97
C ASP A 48 -23.32 -5.75 -3.60
N TYR A 49 -22.66 -6.37 -2.61
CA TYR A 49 -23.36 -6.79 -1.40
C TYR A 49 -23.92 -5.62 -0.60
N LEU A 50 -23.31 -4.43 -0.69
CA LEU A 50 -23.80 -3.28 0.06
C LEU A 50 -24.61 -2.32 -0.80
N GLY A 51 -24.86 -2.67 -2.06
CA GLY A 51 -25.61 -1.77 -2.95
C GLY A 51 -24.84 -0.52 -3.32
N LEU A 52 -23.51 -0.58 -3.32
CA LEU A 52 -22.74 0.65 -3.54
C LEU A 52 -22.36 0.89 -4.99
N ALA A 53 -22.47 -0.12 -5.86
CA ALA A 53 -21.97 0.07 -7.22
C ALA A 53 -22.62 1.26 -7.93
N ALA A 54 -23.88 1.59 -7.60
CA ALA A 54 -24.57 2.71 -8.23
C ALA A 54 -24.66 3.95 -7.33
N HIS A 55 -23.87 3.98 -6.25
CA HIS A 55 -24.09 4.97 -5.21
C HIS A 55 -23.69 6.37 -5.70
N PRO A 56 -24.52 7.38 -5.47
CA PRO A 56 -24.22 8.71 -5.98
C PRO A 56 -22.90 9.27 -5.47
N LYS A 57 -22.46 8.94 -4.26
CA LYS A 57 -21.17 9.48 -3.81
C LYS A 57 -19.99 8.90 -4.58
N LEU A 58 -20.09 7.63 -4.98
CA LEU A 58 -19.02 7.01 -5.75
C LEU A 58 -19.03 7.53 -7.18
N VAL A 59 -20.22 7.72 -7.75
CA VAL A 59 -20.33 8.34 -9.08
C VAL A 59 -19.72 9.73 -9.08
N ALA A 60 -20.05 10.53 -8.05
CA ALA A 60 -19.50 11.88 -8.03
C ALA A 60 -17.98 11.86 -7.86
N ALA A 61 -17.47 10.86 -7.12
CA ALA A 61 -16.02 10.75 -6.92
C ALA A 61 -15.29 10.40 -8.20
N PHE A 62 -15.90 9.61 -9.10
CA PHE A 62 -15.28 9.40 -10.41
C PHE A 62 -15.07 10.71 -11.14
N ALA A 63 -16.10 11.58 -11.14
CA ALA A 63 -15.95 12.85 -11.84
C ALA A 63 -14.87 13.68 -11.19
N GLU A 64 -14.93 13.81 -9.86
CA GLU A 64 -14.00 14.68 -9.15
C GLU A 64 -12.59 14.16 -9.27
N GLY A 65 -12.43 12.84 -9.17
CA GLY A 65 -11.11 12.24 -9.24
C GLY A 65 -10.47 12.43 -10.60
N ALA A 66 -11.27 12.31 -11.67
CA ALA A 66 -10.68 12.53 -13.00
C ALA A 66 -10.33 13.99 -13.21
N GLN A 67 -11.16 14.91 -12.70
N GLN A 67 -11.15 14.89 -12.66
CA GLN A 67 -10.83 16.33 -12.81
CA GLN A 67 -10.90 16.32 -12.77
C GLN A 67 -9.53 16.65 -12.09
C GLN A 67 -9.64 16.72 -12.03
N ARG A 68 -9.33 16.07 -10.91
CA ARG A 68 -8.17 16.39 -10.10
C ARG A 68 -6.90 15.71 -10.58
N TYR A 69 -7.00 14.47 -11.05
N TYR A 69 -7.05 14.46 -11.03
CA TYR A 69 -5.79 13.71 -11.31
CA TYR A 69 -5.93 13.56 -11.23
C TYR A 69 -5.68 13.19 -12.73
C TYR A 69 -5.71 13.16 -12.68
N GLY A 70 -6.61 13.54 -13.60
CA GLY A 70 -6.53 13.07 -14.98
C GLY A 70 -7.20 11.73 -15.17
N SER A 71 -7.00 11.19 -16.36
CA SER A 71 -7.60 9.92 -16.78
C SER A 71 -6.70 8.73 -16.49
N GLY A 72 -5.49 8.73 -17.05
CA GLY A 72 -4.61 7.58 -16.91
C GLY A 72 -3.50 7.87 -15.90
N SER A 73 -3.02 6.79 -15.26
CA SER A 73 -1.87 6.92 -14.39
C SER A 73 -0.60 7.12 -15.20
N GLY A 74 -0.55 6.61 -16.41
CA GLY A 74 0.62 6.72 -17.25
C GLY A 74 1.69 5.67 -17.03
N GLY A 75 1.59 4.81 -16.02
CA GLY A 75 2.59 3.76 -15.92
C GLY A 75 2.52 2.98 -14.62
N SER A 76 3.55 2.14 -14.43
CA SER A 76 3.68 1.33 -13.22
C SER A 76 3.77 2.22 -11.97
N HIS A 77 3.29 1.69 -10.83
CA HIS A 77 3.54 2.38 -9.55
C HIS A 77 5.04 2.58 -9.30
N LEU A 78 5.92 1.78 -9.91
CA LEU A 78 7.35 1.94 -9.69
CA LEU A 78 7.35 1.91 -9.71
C LEU A 78 8.03 2.74 -10.79
N LEU A 79 7.28 3.24 -11.77
N LEU A 79 7.26 3.40 -11.67
CA LEU A 79 7.84 4.19 -12.73
CA LEU A 79 7.81 4.09 -12.82
C LEU A 79 7.02 5.46 -12.52
C LEU A 79 6.87 5.20 -13.32
N GLY A 80 6.36 5.96 -13.55
N GLY A 80 6.39 6.05 -12.42
CA GLY A 80 5.64 7.20 -13.39
CA GLY A 80 5.73 7.29 -12.79
C GLY A 80 4.13 7.08 -13.26
C GLY A 80 4.24 7.30 -12.58
N GLY A 81 3.62 6.14 -12.45
CA GLY A 81 2.16 6.04 -12.33
C GLY A 81 1.58 6.13 -10.94
N HIS A 82 2.40 6.25 -9.90
CA HIS A 82 1.89 6.26 -8.54
C HIS A 82 1.42 7.67 -8.19
N SER A 83 0.12 7.81 -7.95
CA SER A 83 -0.54 9.08 -7.73
C SER A 83 -0.80 9.32 -6.25
N ARG A 84 -0.91 10.59 -5.89
CA ARG A 84 -1.41 10.93 -4.56
C ARG A 84 -2.72 10.20 -4.25
N ALA A 85 -3.59 9.97 -5.25
CA ALA A 85 -4.83 9.24 -4.97
C ALA A 85 -4.54 7.82 -4.46
N HIS A 86 -3.54 7.16 -5.05
CA HIS A 86 -3.19 5.80 -4.61
C HIS A 86 -2.57 5.84 -3.23
N ALA A 87 -1.69 6.82 -2.99
CA ALA A 87 -1.01 6.93 -1.72
C ALA A 87 -2.00 7.15 -0.59
N LYS A 88 -2.94 8.08 -0.79
CA LYS A 88 -3.95 8.35 0.23
C LYS A 88 -4.78 7.10 0.51
N LEU A 89 -5.19 6.42 -0.56
CA LEU A 89 -5.99 5.20 -0.39
C LEU A 89 -5.22 4.14 0.38
N GLU A 90 -3.93 3.96 0.07
CA GLU A 90 -3.13 3.01 0.86
C GLU A 90 -3.09 3.39 2.33
N ASP A 91 -2.94 4.67 2.64
CA ASP A 91 -2.93 5.08 4.05
C ASP A 91 -4.26 4.75 4.71
N GLU A 92 -5.35 5.04 3.99
CA GLU A 92 -6.69 4.81 4.52
C GLU A 92 -6.94 3.34 4.78
N LEU A 93 -6.53 2.48 3.85
CA LEU A 93 -6.77 1.04 3.98
C LEU A 93 -5.98 0.46 5.16
N ALA A 94 -4.72 0.87 5.34
CA ALA A 94 -3.94 0.42 6.47
C ALA A 94 -4.61 0.81 7.79
N GLY A 95 -5.13 2.04 7.87
CA GLY A 95 -5.79 2.47 9.10
C GLY A 95 -7.10 1.78 9.36
N PHE A 96 -7.80 1.41 8.30
CA PHE A 96 -9.14 0.83 8.43
C PHE A 96 -9.08 -0.66 8.71
N ALA A 97 -8.28 -1.39 7.94
CA ALA A 97 -8.27 -2.85 7.98
C ALA A 97 -7.02 -3.43 8.61
N GLY A 98 -6.07 -2.60 9.08
CA GLY A 98 -4.80 -3.14 9.52
C GLY A 98 -4.68 -3.42 11.00
N GLY A 99 -5.82 -3.44 11.71
CA GLY A 99 -5.79 -3.60 13.17
C GLY A 99 -5.15 -4.88 13.66
N PHE A 100 -5.10 -5.92 12.82
CA PHE A 100 -4.46 -7.17 13.22
C PHE A 100 -2.95 -7.08 13.33
N SER A 101 -2.33 -6.00 12.85
CA SER A 101 -0.88 -5.85 12.76
C SER A 101 -0.42 -4.79 13.74
N ASP A 102 0.74 -5.01 14.35
CA ASP A 102 1.35 -3.97 15.17
C ASP A 102 2.10 -2.93 14.36
N ALA A 103 2.30 -3.17 13.06
CA ALA A 103 3.03 -2.24 12.21
C ALA A 103 2.48 -2.34 10.80
N PRO A 104 1.22 -1.95 10.60
CA PRO A 104 0.56 -2.21 9.32
C PRO A 104 1.04 -1.30 8.18
N ARG A 105 0.94 -1.84 6.97
CA ARG A 105 1.05 -1.02 5.77
C ARG A 105 0.16 -1.69 4.71
N ALA A 106 -0.34 -0.90 3.76
CA ALA A 106 -1.21 -1.44 2.72
C ALA A 106 -0.63 -1.13 1.35
N LEU A 107 -0.97 -1.98 0.39
CA LEU A 107 -0.47 -1.89 -0.97
C LEU A 107 -1.63 -2.06 -1.93
N TYR A 108 -1.86 -1.08 -2.81
CA TYR A 108 -3.03 -1.09 -3.70
C TYR A 108 -2.68 -1.69 -5.06
N PHE A 109 -3.54 -2.64 -5.53
CA PHE A 109 -3.42 -3.34 -6.79
C PHE A 109 -4.62 -3.03 -7.70
N SER A 110 -4.44 -3.22 -9.02
CA SER A 110 -5.56 -2.87 -9.89
C SER A 110 -6.68 -3.90 -9.86
N THR A 111 -6.38 -5.14 -9.45
CA THR A 111 -7.37 -6.23 -9.41
CA THR A 111 -7.46 -6.09 -9.25
C THR A 111 -7.00 -7.17 -8.27
N GLY A 112 -8.01 -7.80 -7.64
CA GLY A 112 -7.71 -8.83 -6.65
C GLY A 112 -6.93 -10.00 -7.22
N TYR A 113 -7.22 -10.36 -8.48
CA TYR A 113 -6.47 -11.43 -9.13
C TYR A 113 -4.98 -11.17 -9.02
N MET A 114 -4.57 -9.94 -9.34
CA MET A 114 -3.13 -9.71 -9.29
CA MET A 114 -3.16 -9.55 -9.30
C MET A 114 -2.60 -9.49 -7.87
N ALA A 115 -3.41 -8.99 -6.92
CA ALA A 115 -2.97 -8.95 -5.53
C ALA A 115 -2.68 -10.35 -5.01
N ASN A 116 -3.53 -11.32 -5.36
CA ASN A 116 -3.30 -12.69 -4.92
C ASN A 116 -2.02 -13.27 -5.53
N LEU A 117 -1.80 -13.05 -6.82
CA LEU A 117 -0.56 -13.53 -7.41
C LEU A 117 0.64 -12.97 -6.66
N ALA A 118 0.58 -11.67 -6.32
CA ALA A 118 1.71 -11.03 -5.65
C ALA A 118 1.95 -11.60 -4.26
N ALA A 119 0.88 -11.74 -3.46
CA ALA A 119 1.07 -12.21 -2.09
C ALA A 119 1.65 -13.63 -2.07
N VAL A 120 1.16 -14.50 -2.95
CA VAL A 120 1.61 -15.89 -2.91
C VAL A 120 3.00 -16.03 -3.49
N THR A 121 3.25 -15.44 -4.67
CA THR A 121 4.54 -15.67 -5.30
C THR A 121 5.67 -14.97 -4.55
N ALA A 122 5.40 -13.83 -3.92
CA ALA A 122 6.49 -13.12 -3.27
C ALA A 122 6.90 -13.80 -1.98
N LEU A 123 5.96 -14.49 -1.33
CA LEU A 123 6.27 -15.09 -0.04
C LEU A 123 6.64 -16.57 -0.10
N ALA A 124 6.38 -17.27 -1.22
CA ALA A 124 6.63 -18.71 -1.27
C ALA A 124 7.51 -18.99 -2.47
N GLY A 125 8.74 -19.38 -2.21
CA GLY A 125 9.70 -19.68 -3.27
C GLY A 125 9.88 -21.17 -3.52
N LYS A 126 10.96 -21.51 -4.24
CA LYS A 126 11.11 -22.87 -4.77
C LYS A 126 11.24 -23.92 -3.68
N ASP A 127 11.71 -23.53 -2.50
CA ASP A 127 11.89 -24.50 -1.44
C ASP A 127 10.76 -24.46 -0.41
N ALA A 128 9.72 -23.66 -0.64
CA ALA A 128 8.63 -23.54 0.32
C ALA A 128 7.54 -24.58 0.04
N THR A 129 6.65 -24.76 1.00
CA THR A 129 5.44 -25.56 0.77
C THR A 129 4.22 -24.69 1.06
N ILE A 130 3.28 -24.68 0.12
CA ILE A 130 2.01 -23.97 0.28
C ILE A 130 0.93 -24.98 0.62
N PHE A 131 0.11 -24.68 1.61
CA PHE A 131 -1.05 -25.50 1.96
C PHE A 131 -2.30 -24.69 1.61
N SER A 132 -3.11 -25.21 0.70
CA SER A 132 -4.20 -24.48 0.07
CA SER A 132 -4.22 -24.45 0.14
C SER A 132 -5.54 -25.19 0.31
N ASP A 133 -6.57 -24.44 0.76
CA ASP A 133 -7.89 -25.04 0.91
C ASP A 133 -8.42 -25.51 -0.44
N ALA A 134 -8.97 -26.72 -0.48
CA ALA A 134 -9.45 -27.29 -1.73
C ALA A 134 -10.40 -26.39 -2.52
N LEU A 135 -11.17 -25.54 -1.84
CA LEU A 135 -12.17 -24.73 -2.53
C LEU A 135 -11.71 -23.28 -2.74
N ASN A 136 -10.41 -23.03 -2.62
CA ASN A 136 -9.91 -21.68 -2.88
C ASN A 136 -10.27 -21.17 -4.29
N HIS A 137 -10.36 -19.85 -4.38
CA HIS A 137 -10.59 -19.13 -5.63
C HIS A 137 -9.51 -19.43 -6.67
N ALA A 138 -9.92 -19.33 -7.95
CA ALA A 138 -8.99 -19.56 -9.07
C ALA A 138 -7.71 -18.70 -9.01
N SER A 139 -7.82 -17.43 -8.61
CA SER A 139 -6.63 -16.59 -8.60
C SER A 139 -5.61 -17.04 -7.55
N LEU A 140 -6.09 -17.54 -6.39
CA LEU A 140 -5.17 -18.11 -5.41
C LEU A 140 -4.49 -19.34 -5.98
N ILE A 141 -5.23 -20.18 -6.66
CA ILE A 141 -4.64 -21.37 -7.27
CA ILE A 141 -4.62 -21.37 -7.25
C ILE A 141 -3.61 -20.98 -8.32
N ASP A 142 -3.93 -19.99 -9.15
CA ASP A 142 -2.94 -19.52 -10.13
C ASP A 142 -1.70 -18.97 -9.43
N GLY A 143 -1.90 -18.25 -8.33
CA GLY A 143 -0.77 -17.79 -7.54
C GLY A 143 0.10 -18.95 -7.09
N THR A 144 -0.52 -20.03 -6.58
CA THR A 144 0.29 -21.16 -6.13
C THR A 144 1.02 -21.81 -7.29
N ARG A 145 0.42 -21.85 -8.48
CA ARG A 145 1.11 -22.43 -9.63
CA ARG A 145 1.12 -22.44 -9.61
C ARG A 145 2.28 -21.56 -10.08
N LEU A 146 2.11 -20.23 -10.06
CA LEU A 146 3.20 -19.36 -10.49
C LEU A 146 4.35 -19.38 -9.50
N SER A 147 4.06 -19.64 -8.23
CA SER A 147 5.12 -19.64 -7.24
C SER A 147 5.99 -20.85 -7.46
N ARG A 148 7.21 -20.80 -6.98
CA ARG A 148 7.97 -22.01 -7.30
C ARG A 148 7.71 -23.15 -6.30
N ALA A 149 6.74 -22.98 -5.41
CA ALA A 149 6.65 -23.82 -4.23
C ALA A 149 5.94 -25.12 -4.52
N THR A 150 6.19 -26.11 -3.64
CA THR A 150 5.39 -27.32 -3.61
C THR A 150 4.02 -26.99 -3.04
N VAL A 151 2.97 -27.53 -3.64
CA VAL A 151 1.61 -27.20 -3.21
C VAL A 151 0.94 -28.46 -2.69
N GLN A 152 0.51 -28.43 -1.41
N GLN A 152 0.33 -28.36 -1.50
CA GLN A 152 -0.34 -29.43 -0.76
CA GLN A 152 -0.36 -29.47 -0.83
C GLN A 152 -1.74 -28.85 -0.67
C GLN A 152 -1.76 -29.01 -0.44
N VAL A 153 -2.76 -29.61 -1.07
CA VAL A 153 -4.15 -29.18 -0.92
C VAL A 153 -4.75 -29.85 0.30
N TYR A 154 -5.35 -29.06 1.20
CA TYR A 154 -6.05 -29.71 2.31
C TYR A 154 -7.56 -29.65 2.09
N PRO A 155 -8.29 -30.67 2.55
CA PRO A 155 -9.75 -30.72 2.32
C PRO A 155 -10.42 -29.48 2.90
N HIS A 156 -11.52 -29.07 2.27
CA HIS A 156 -12.13 -27.81 2.66
C HIS A 156 -12.35 -27.68 4.17
N ALA A 157 -11.79 -26.59 4.74
CA ALA A 157 -11.97 -26.21 6.14
C ALA A 157 -11.51 -27.28 7.13
N ASP A 158 -10.72 -28.25 6.66
CA ASP A 158 -10.38 -29.40 7.49
C ASP A 158 -9.07 -29.12 8.22
N THR A 159 -9.17 -28.50 9.40
CA THR A 159 -7.98 -28.10 10.13
C THR A 159 -7.32 -29.30 10.80
N ALA A 160 -8.09 -30.36 11.09
CA ALA A 160 -7.48 -31.57 11.61
C ALA A 160 -6.49 -32.14 10.61
N THR A 161 -6.91 -32.28 9.36
CA THR A 161 -6.03 -32.75 8.31
C THR A 161 -4.89 -31.78 8.06
N LEU A 162 -5.21 -30.47 7.97
CA LEU A 162 -4.13 -29.49 7.74
C LEU A 162 -3.05 -29.60 8.81
N GLY A 163 -3.46 -29.73 10.09
CA GLY A 163 -2.47 -29.84 11.15
C GLY A 163 -1.57 -31.06 10.95
N ALA A 164 -2.17 -32.19 10.53
CA ALA A 164 -1.37 -33.39 10.27
C ALA A 164 -0.40 -33.17 9.11
N LEU A 165 -0.84 -32.46 8.06
CA LEU A 165 0.04 -32.17 6.93
C LEU A 165 1.18 -31.23 7.35
N LEU A 166 0.88 -30.21 8.15
CA LEU A 166 1.92 -29.28 8.58
C LEU A 166 2.96 -29.99 9.44
N GLU A 167 2.49 -30.86 10.34
CA GLU A 167 3.40 -31.60 11.19
C GLU A 167 4.33 -32.47 10.37
N ALA A 168 3.83 -33.04 9.27
CA ALA A 168 4.63 -33.91 8.42
C ALA A 168 5.58 -33.17 7.50
N CYS A 169 5.42 -31.87 7.37
CA CYS A 169 6.15 -31.08 6.39
C CYS A 169 7.47 -30.62 6.97
N THR A 170 8.55 -30.79 6.21
CA THR A 170 9.88 -30.39 6.65
C THR A 170 10.40 -29.10 5.99
N SER A 171 9.59 -28.37 5.24
CA SER A 171 10.06 -27.14 4.62
C SER A 171 10.34 -26.05 5.65
N GLN A 172 11.41 -25.27 5.42
CA GLN A 172 11.66 -24.10 6.27
C GLN A 172 10.58 -23.04 6.11
N THR A 173 10.10 -22.81 4.89
CA THR A 173 9.07 -21.80 4.64
C THR A 173 7.77 -22.50 4.35
N LYS A 174 6.75 -22.17 5.11
CA LYS A 174 5.41 -22.71 4.90
C LYS A 174 4.41 -21.57 4.78
N LEU A 175 3.41 -21.75 3.92
CA LEU A 175 2.35 -20.77 3.71
CA LEU A 175 2.37 -20.77 3.77
C LEU A 175 1.03 -21.48 3.74
N ILE A 176 0.07 -20.99 4.52
CA ILE A 176 -1.32 -21.48 4.47
C ILE A 176 -2.12 -20.41 3.74
N VAL A 177 -2.89 -20.79 2.71
CA VAL A 177 -3.64 -19.80 1.92
CA VAL A 177 -3.65 -19.82 1.90
C VAL A 177 -5.10 -20.23 1.85
N THR A 178 -6.00 -19.29 2.12
CA THR A 178 -7.42 -19.62 2.13
C THR A 178 -8.28 -18.39 1.81
N ASP A 179 -9.40 -18.63 1.10
CA ASP A 179 -10.50 -17.65 1.12
C ASP A 179 -10.96 -17.48 2.56
N THR A 180 -11.54 -16.32 2.87
CA THR A 180 -12.26 -16.20 4.15
C THR A 180 -13.70 -16.65 3.91
N VAL A 181 -14.47 -15.85 3.17
CA VAL A 181 -15.78 -16.25 2.70
C VAL A 181 -15.58 -16.94 1.36
N PHE A 182 -16.06 -18.17 1.24
CA PHE A 182 -15.86 -18.90 0.00
C PHE A 182 -16.87 -18.46 -1.08
N SER A 183 -16.31 -18.07 -2.25
CA SER A 183 -17.05 -17.29 -3.25
CA SER A 183 -17.04 -17.30 -3.27
C SER A 183 -18.30 -17.97 -3.76
N MET A 184 -18.32 -19.31 -3.83
CA MET A 184 -19.45 -20.03 -4.42
C MET A 184 -20.22 -20.84 -3.39
N ASP A 185 -19.90 -20.65 -2.11
CA ASP A 185 -20.50 -21.42 -1.03
C ASP A 185 -21.04 -20.50 0.09
N GLY A 186 -20.28 -19.53 0.51
CA GLY A 186 -20.75 -18.55 1.47
C GLY A 186 -20.39 -18.89 2.90
N ASP A 187 -19.79 -20.06 3.15
CA ASP A 187 -19.26 -20.31 4.48
C ASP A 187 -17.96 -19.55 4.70
N ILE A 188 -17.56 -19.47 5.97
CA ILE A 188 -16.39 -18.70 6.40
C ILE A 188 -15.36 -19.67 6.96
N ALA A 189 -14.11 -19.48 6.52
CA ALA A 189 -12.99 -20.31 6.93
C ALA A 189 -12.84 -20.26 8.45
N PRO A 190 -12.29 -21.33 9.04
CA PRO A 190 -12.03 -21.37 10.51
C PRO A 190 -10.75 -20.61 10.83
N LEU A 191 -10.83 -19.27 10.79
CA LEU A 191 -9.62 -18.46 10.78
C LEU A 191 -8.86 -18.55 12.10
N ALA A 192 -9.56 -18.57 13.26
CA ALA A 192 -8.79 -18.67 14.50
C ALA A 192 -7.96 -19.96 14.57
N GLU A 193 -8.53 -21.10 14.14
CA GLU A 193 -7.76 -22.34 14.21
CA GLU A 193 -7.74 -22.33 14.22
C GLU A 193 -6.65 -22.34 13.16
N LEU A 194 -6.93 -21.78 11.99
CA LEU A 194 -5.88 -21.66 10.97
C LEU A 194 -4.71 -20.82 11.47
N LEU A 195 -5.01 -19.71 12.18
CA LEU A 195 -3.93 -18.88 12.71
C LEU A 195 -3.17 -19.61 13.80
N ALA A 196 -3.88 -20.35 14.66
CA ALA A 196 -3.19 -21.13 15.68
C ALA A 196 -2.22 -22.12 15.06
N LEU A 197 -2.64 -22.73 13.96
CA LEU A 197 -1.77 -23.66 13.24
C LEU A 197 -0.60 -22.93 12.60
N ALA A 198 -0.86 -21.75 12.03
CA ALA A 198 0.23 -21.00 11.39
C ALA A 198 1.29 -20.62 12.42
N GLU A 199 0.84 -20.20 13.61
CA GLU A 199 1.80 -19.83 14.64
C GLU A 199 2.55 -21.04 15.18
N ARG A 200 1.86 -22.17 15.34
CA ARG A 200 2.51 -23.38 15.85
C ARG A 200 3.57 -23.87 14.88
N HIS A 201 3.32 -23.73 13.57
CA HIS A 201 4.17 -24.34 12.55
C HIS A 201 5.03 -23.33 11.81
N GLY A 202 5.08 -22.09 12.26
CA GLY A 202 5.96 -21.11 11.64
C GLY A 202 5.57 -20.78 10.22
N ALA A 203 4.28 -20.65 9.93
CA ALA A 203 3.80 -20.41 8.58
C ALA A 203 3.19 -19.02 8.40
N TRP A 204 3.29 -18.48 7.19
CA TRP A 204 2.44 -17.35 6.84
C TRP A 204 1.00 -17.82 6.72
N LEU A 205 0.05 -16.95 7.08
CA LEU A 205 -1.38 -17.21 6.84
C LEU A 205 -1.90 -16.11 5.95
N VAL A 206 -2.10 -16.45 4.66
CA VAL A 206 -2.59 -15.49 3.66
C VAL A 206 -4.08 -15.71 3.56
N VAL A 207 -4.89 -14.66 3.81
CA VAL A 207 -6.35 -14.82 3.78
C VAL A 207 -6.92 -13.89 2.73
N ASP A 208 -7.80 -14.41 1.90
CA ASP A 208 -8.39 -13.63 0.80
C ASP A 208 -9.82 -13.29 1.20
N ASP A 209 -10.02 -12.03 1.59
CA ASP A 209 -11.30 -11.57 2.13
C ASP A 209 -12.10 -10.81 1.07
N ALA A 210 -11.98 -11.20 -0.21
CA ALA A 210 -12.75 -10.55 -1.26
C ALA A 210 -14.24 -10.44 -0.94
N HIS A 211 -14.85 -11.48 -0.36
CA HIS A 211 -16.30 -11.51 -0.09
C HIS A 211 -16.64 -11.17 1.35
N GLY A 212 -15.65 -10.82 2.17
CA GLY A 212 -15.92 -10.41 3.53
C GLY A 212 -15.63 -8.94 3.76
N PHE A 213 -14.72 -8.35 2.98
CA PHE A 213 -14.40 -6.94 3.20
C PHE A 213 -15.62 -6.06 2.98
N GLY A 214 -15.89 -5.18 3.94
CA GLY A 214 -17.08 -4.34 3.85
C GLY A 214 -18.33 -4.90 4.51
N VAL A 215 -18.43 -6.23 4.66
CA VAL A 215 -19.68 -6.84 5.13
C VAL A 215 -19.50 -7.59 6.44
N LEU A 216 -18.30 -8.06 6.74
CA LEU A 216 -18.00 -8.70 7.99
C LEU A 216 -17.27 -7.73 8.91
N GLY A 217 -17.42 -7.96 10.22
CA GLY A 217 -16.62 -7.27 11.21
C GLY A 217 -17.18 -5.91 11.60
N PRO A 218 -16.65 -5.36 12.69
CA PRO A 218 -17.06 -4.01 13.10
C PRO A 218 -16.75 -3.02 12.00
N GLN A 219 -17.75 -2.17 11.69
CA GLN A 219 -17.70 -1.15 10.64
C GLN A 219 -17.35 -1.73 9.26
N GLY A 220 -17.53 -3.04 9.08
CA GLY A 220 -17.17 -3.65 7.80
C GLY A 220 -15.70 -3.84 7.57
N ARG A 221 -14.88 -3.85 8.63
CA ARG A 221 -13.43 -3.94 8.45
C ARG A 221 -12.96 -5.31 8.00
N GLY A 222 -13.83 -6.31 8.03
CA GLY A 222 -13.54 -7.58 7.35
C GLY A 222 -13.45 -8.76 8.30
N ALA A 223 -13.04 -9.90 7.73
CA ALA A 223 -13.08 -11.17 8.46
C ALA A 223 -12.10 -11.22 9.62
N LEU A 224 -10.93 -10.56 9.52
CA LEU A 224 -9.99 -10.63 10.65
C LEU A 224 -10.48 -9.79 11.81
N ALA A 225 -11.10 -8.65 11.51
CA ALA A 225 -11.71 -7.84 12.58
C ALA A 225 -12.87 -8.57 13.23
N ALA A 226 -13.68 -9.25 12.42
CA ALA A 226 -14.76 -10.05 13.00
C ALA A 226 -14.23 -11.12 13.94
N ALA A 227 -13.18 -11.81 13.53
CA ALA A 227 -12.61 -12.88 14.34
C ALA A 227 -11.72 -12.39 15.46
N ALA A 228 -11.44 -11.07 15.49
CA ALA A 228 -10.59 -10.42 16.48
C ALA A 228 -9.22 -11.10 16.56
N LEU A 229 -8.61 -11.30 15.40
CA LEU A 229 -7.31 -11.98 15.33
C LEU A 229 -6.21 -10.95 15.15
N ARG A 230 -5.08 -11.19 15.81
CA ARG A 230 -3.88 -10.35 15.65
C ARG A 230 -2.64 -11.24 15.59
N SER A 231 -1.78 -10.98 14.60
CA SER A 231 -0.54 -11.74 14.46
C SER A 231 0.30 -11.14 13.35
N PRO A 232 1.63 -11.13 13.50
CA PRO A 232 2.51 -10.81 12.36
C PRO A 232 2.49 -11.85 11.27
N HIS A 233 1.94 -13.04 11.54
CA HIS A 233 1.85 -14.10 10.52
C HIS A 233 0.79 -13.79 9.48
N LEU A 234 -0.14 -12.88 9.78
CA LEU A 234 -1.28 -12.66 8.89
C LEU A 234 -0.92 -11.77 7.71
N VAL A 235 -1.40 -12.15 6.53
CA VAL A 235 -1.27 -11.36 5.30
C VAL A 235 -2.67 -11.27 4.74
N TYR A 236 -3.23 -10.06 4.71
CA TYR A 236 -4.65 -9.87 4.39
C TYR A 236 -4.81 -9.33 2.96
N VAL A 237 -5.62 -10.02 2.15
CA VAL A 237 -5.95 -9.53 0.80
C VAL A 237 -7.42 -9.13 0.81
N GLY A 238 -7.70 -7.87 0.47
CA GLY A 238 -9.08 -7.45 0.31
C GLY A 238 -9.32 -7.07 -1.15
N THR A 239 -10.57 -7.02 -1.60
CA THR A 239 -10.77 -6.45 -2.93
C THR A 239 -11.80 -5.38 -2.83
N LEU A 240 -11.87 -4.57 -3.88
CA LEU A 240 -12.66 -3.34 -3.82
C LEU A 240 -13.73 -3.30 -4.89
N GLY A 241 -13.93 -4.40 -5.65
CA GLY A 241 -14.97 -4.42 -6.69
C GLY A 241 -16.19 -5.30 -6.41
N ALA A 243 -18.19 -5.88 -2.32
CA ALA A 243 -18.98 -4.95 -1.53
C ALA A 243 -18.59 -3.48 -1.67
N ALA A 244 -17.32 -3.17 -1.94
CA ALA A 244 -16.96 -1.75 -2.00
C ALA A 244 -17.45 -1.03 -3.26
N GLY A 245 -17.93 -1.74 -4.29
CA GLY A 245 -18.63 -1.12 -5.37
C GLY A 245 -17.77 -0.37 -6.38
N VAL A 246 -16.46 -0.60 -6.41
CA VAL A 246 -15.64 0.05 -7.43
C VAL A 246 -14.80 -1.04 -8.10
N ALA A 247 -13.48 -0.99 -7.93
CA ALA A 247 -12.59 -2.01 -8.47
C ALA A 247 -11.26 -1.86 -7.76
N GLY A 248 -10.44 -2.89 -7.87
CA GLY A 248 -9.11 -2.85 -7.30
C GLY A 248 -8.99 -3.81 -6.14
N ALA A 249 -7.83 -3.81 -5.50
CA ALA A 249 -7.66 -4.72 -4.39
C ALA A 249 -6.47 -4.23 -3.58
N PHE A 250 -6.22 -4.90 -2.45
CA PHE A 250 -5.12 -4.39 -1.62
C PHE A 250 -4.60 -5.50 -0.73
N VAL A 251 -3.33 -5.38 -0.34
CA VAL A 251 -2.72 -6.28 0.62
C VAL A 251 -2.41 -5.45 1.85
N VAL A 252 -2.79 -5.95 3.04
CA VAL A 252 -2.38 -5.33 4.31
C VAL A 252 -1.54 -6.36 5.06
N ALA A 253 -0.40 -5.96 5.58
CA ALA A 253 0.50 -6.87 6.27
C ALA A 253 1.48 -6.06 7.09
N HIS A 254 2.36 -6.75 7.81
CA HIS A 254 3.48 -6.06 8.44
C HIS A 254 4.23 -5.20 7.42
N GLU A 255 4.70 -4.03 7.87
CA GLU A 255 5.38 -3.08 6.99
C GLU A 255 6.47 -3.76 6.16
N THR A 256 7.20 -4.68 6.77
CA THR A 256 8.29 -5.35 6.07
C THR A 256 7.79 -6.23 4.92
N VAL A 257 6.63 -6.87 5.11
CA VAL A 257 6.04 -7.68 4.06
C VAL A 257 5.70 -6.81 2.88
N ILE A 258 5.10 -5.65 3.15
CA ILE A 258 4.74 -4.75 2.05
C ILE A 258 5.98 -4.28 1.32
N GLU A 259 7.06 -3.94 2.06
CA GLU A 259 8.30 -3.54 1.39
C GLU A 259 8.75 -4.62 0.42
N TRP A 260 8.67 -5.88 0.85
CA TRP A 260 9.09 -7.00 0.01
C TRP A 260 8.21 -7.14 -1.23
N LEU A 261 6.89 -6.99 -1.09
CA LEU A 261 6.02 -7.07 -2.27
C LEU A 261 6.36 -5.96 -3.26
N ILE A 262 6.59 -4.72 -2.78
CA ILE A 262 6.96 -3.63 -3.69
C ILE A 262 8.24 -3.97 -4.44
N GLN A 263 9.20 -4.59 -3.76
CA GLN A 263 10.48 -4.88 -4.41
C GLN A 263 10.42 -6.03 -5.37
N ARG A 264 9.54 -6.98 -5.13
CA ARG A 264 9.67 -8.28 -5.76
C ARG A 264 8.46 -8.75 -6.56
N ALA A 265 7.23 -8.33 -6.21
CA ALA A 265 6.04 -8.98 -6.79
C ALA A 265 5.85 -8.54 -8.24
N ARG A 266 5.91 -9.49 -9.17
CA ARG A 266 5.82 -9.14 -10.59
C ARG A 266 4.47 -8.56 -10.96
N SER A 267 3.37 -9.04 -10.33
CA SER A 267 2.06 -8.48 -10.64
C SER A 267 1.78 -7.19 -9.88
N TYR A 268 2.72 -6.72 -9.05
CA TYR A 268 2.67 -5.34 -8.58
C TYR A 268 3.48 -4.45 -9.51
N ILE A 269 4.69 -4.89 -9.84
CA ILE A 269 5.65 -4.03 -10.53
C ILE A 269 5.31 -3.85 -12.00
N PHE A 270 5.03 -4.94 -12.72
CA PHE A 270 5.08 -4.89 -14.19
C PHE A 270 3.69 -4.71 -14.80
N THR A 271 2.98 -3.68 -14.34
CA THR A 271 1.63 -3.37 -14.77
C THR A 271 1.33 -1.90 -14.48
N THR A 272 0.45 -1.32 -15.30
CA THR A 272 0.03 0.07 -15.20
C THR A 272 -0.81 0.29 -13.92
N ALA A 273 -0.48 1.33 -13.17
CA ALA A 273 -1.29 1.70 -12.02
C ALA A 273 -2.71 2.04 -12.46
N ALA A 274 -3.71 1.63 -11.67
CA ALA A 274 -5.08 1.90 -12.05
C ALA A 274 -5.35 3.41 -12.17
N PRO A 275 -6.35 3.79 -12.94
CA PRO A 275 -6.65 5.20 -13.08
C PRO A 275 -6.87 5.84 -11.73
N PRO A 276 -6.29 7.01 -11.48
CA PRO A 276 -6.41 7.59 -10.13
C PRO A 276 -7.84 7.94 -9.75
N ALA A 277 -8.74 8.19 -10.72
CA ALA A 277 -10.15 8.40 -10.37
C ALA A 277 -10.75 7.18 -9.70
N VAL A 278 -10.30 5.98 -10.08
CA VAL A 278 -10.81 4.76 -9.44
C VAL A 278 -10.41 4.73 -7.98
N ALA A 279 -9.14 5.02 -7.67
CA ALA A 279 -8.72 5.12 -6.27
C ALA A 279 -9.51 6.18 -5.50
N HIS A 280 -9.73 7.34 -6.13
CA HIS A 280 -10.48 8.41 -5.50
C HIS A 280 -11.88 7.95 -5.15
N ALA A 281 -12.52 7.16 -6.05
CA ALA A 281 -13.86 6.64 -5.79
C ALA A 281 -13.84 5.60 -4.67
N VAL A 282 -12.79 4.79 -4.58
CA VAL A 282 -12.66 3.86 -3.45
C VAL A 282 -12.57 4.62 -2.14
N SER A 283 -11.81 5.73 -2.12
CA SER A 283 -11.74 6.51 -0.88
C SER A 283 -13.12 6.96 -0.44
N ALA A 284 -13.96 7.36 -1.40
CA ALA A 284 -15.34 7.75 -1.08
C ALA A 284 -16.13 6.55 -0.58
N SER A 285 -15.93 5.39 -1.22
CA SER A 285 -16.61 4.19 -0.77
C SER A 285 -16.24 3.81 0.67
N LEU A 286 -14.96 3.91 1.05
CA LEU A 286 -14.58 3.54 2.41
C LEU A 286 -15.31 4.38 3.45
N LYS A 287 -15.54 5.66 3.15
CA LYS A 287 -16.31 6.49 4.09
C LYS A 287 -17.76 6.01 4.21
N VAL A 288 -18.36 5.58 3.10
CA VAL A 288 -19.73 5.04 3.18
C VAL A 288 -19.72 3.74 3.97
N ILE A 289 -18.79 2.86 3.64
CA ILE A 289 -18.71 1.54 4.29
C ILE A 289 -18.59 1.69 5.80
N ALA A 290 -17.74 2.62 6.26
CA ALA A 290 -17.35 2.63 7.68
C ALA A 290 -18.35 3.32 8.60
N GLY A 291 -19.21 4.18 8.05
CA GLY A 291 -20.06 5.05 8.87
C GLY A 291 -21.45 4.48 9.10
N ASP A 292 -22.34 5.37 9.56
CA ASP A 292 -23.69 4.96 9.95
C ASP A 292 -24.44 4.36 8.77
N GLU A 293 -24.23 4.89 7.55
CA GLU A 293 -24.91 4.33 6.39
C GLU A 293 -24.42 2.91 6.09
N GLY A 294 -23.11 2.69 6.18
CA GLY A 294 -22.60 1.33 6.04
C GLY A 294 -23.18 0.40 7.08
N ASP A 295 -23.31 0.88 8.33
CA ASP A 295 -23.94 0.04 9.37
C ASP A 295 -25.37 -0.30 8.99
N ALA A 296 -26.13 0.68 8.49
CA ALA A 296 -27.51 0.44 8.11
C ALA A 296 -27.60 -0.52 6.94
N ARG A 297 -26.70 -0.40 5.95
CA ARG A 297 -26.72 -1.31 4.82
C ARG A 297 -26.38 -2.73 5.28
N ARG A 298 -25.40 -2.87 6.17
CA ARG A 298 -25.09 -4.21 6.68
C ARG A 298 -26.26 -4.79 7.46
N ALA A 299 -26.94 -3.96 8.25
CA ALA A 299 -28.06 -4.46 9.04
C ALA A 299 -29.21 -4.94 8.15
N HIS A 300 -29.52 -4.19 7.09
CA HIS A 300 -30.56 -4.64 6.18
C HIS A 300 -30.12 -5.90 5.45
N LEU A 301 -28.85 -5.96 5.01
CA LEU A 301 -28.35 -7.18 4.39
C LEU A 301 -28.49 -8.38 5.33
N ALA A 302 -28.20 -8.20 6.61
CA ALA A 302 -28.36 -9.32 7.55
C ALA A 302 -29.81 -9.78 7.61
N ALA A 303 -30.76 -8.84 7.56
CA ALA A 303 -32.17 -9.20 7.56
C ALA A 303 -32.55 -9.97 6.30
N LEU A 304 -32.01 -9.56 5.14
CA LEU A 304 -32.26 -10.28 3.90
C LEU A 304 -31.69 -11.69 3.98
N ILE A 305 -30.53 -11.84 4.60
CA ILE A 305 -29.90 -13.15 4.72
C ILE A 305 -30.79 -14.07 5.54
N GLU A 306 -31.35 -13.58 6.66
CA GLU A 306 -32.26 -14.40 7.45
C GLU A 306 -33.42 -14.90 6.58
N ARG A 307 -34.06 -13.98 5.84
CA ARG A 307 -35.22 -14.40 5.07
C ARG A 307 -34.84 -15.32 3.93
N THR A 308 -33.64 -15.11 3.35
CA THR A 308 -33.22 -15.96 2.25
C THR A 308 -32.88 -17.36 2.72
N ARG A 309 -32.26 -17.49 3.89
CA ARG A 309 -32.04 -18.81 4.46
C ARG A 309 -33.34 -19.58 4.56
N ALA A 310 -34.41 -18.89 4.98
CA ALA A 310 -35.68 -19.58 5.13
C ALA A 310 -36.26 -19.99 3.79
N LEU A 311 -36.27 -19.07 2.81
CA LEU A 311 -36.99 -19.36 1.57
C LEU A 311 -36.25 -20.42 0.75
N LEU A 312 -34.92 -20.47 0.86
CA LEU A 312 -34.20 -21.49 0.09
C LEU A 312 -34.54 -22.87 0.60
N ARG A 313 -34.75 -22.99 1.91
CA ARG A 313 -35.01 -24.28 2.53
C ARG A 313 -36.44 -24.78 2.33
N ARG A 314 -37.29 -23.97 1.70
CA ARG A 314 -38.60 -24.43 1.29
C ARG A 314 -38.57 -25.21 -0.02
N THR A 315 -37.47 -25.18 -0.75
CA THR A 315 -37.36 -25.93 -2.00
C THR A 315 -36.89 -27.36 -1.73
N ARG A 316 -36.87 -28.17 -2.81
CA ARG A 316 -36.37 -29.54 -2.75
C ARG A 316 -34.85 -29.62 -2.78
N TRP A 317 -34.17 -28.51 -2.97
CA TRP A 317 -32.73 -28.52 -3.21
C TRP A 317 -31.97 -28.18 -1.92
N GLN A 318 -30.65 -28.29 -1.98
CA GLN A 318 -29.81 -28.18 -0.78
C GLN A 318 -29.05 -26.87 -0.74
N PRO A 319 -29.43 -25.91 0.10
CA PRO A 319 -28.63 -24.71 0.22
C PRO A 319 -27.40 -24.99 1.06
N VAL A 320 -26.37 -24.18 0.83
CA VAL A 320 -25.22 -24.16 1.72
C VAL A 320 -25.61 -23.44 3.01
N ASP A 321 -25.05 -23.89 4.13
CA ASP A 321 -25.37 -23.27 5.43
C ASP A 321 -24.56 -21.98 5.51
N SER A 322 -25.11 -20.91 4.94
CA SER A 322 -24.39 -19.65 4.81
C SER A 322 -25.10 -18.55 5.58
N HIS A 323 -24.31 -17.76 6.31
CA HIS A 323 -24.82 -16.56 6.97
C HIS A 323 -24.28 -15.29 6.31
N THR A 324 -23.79 -15.40 5.07
CA THR A 324 -23.34 -14.25 4.30
C THR A 324 -24.28 -13.97 3.12
N ALA A 325 -23.96 -12.92 2.38
CA ALA A 325 -24.77 -12.56 1.22
C ALA A 325 -24.71 -13.61 0.11
N VAL A 326 -23.73 -14.51 0.13
CA VAL A 326 -23.59 -15.56 -0.86
C VAL A 326 -24.50 -16.71 -0.42
N GLN A 327 -25.58 -16.95 -1.17
CA GLN A 327 -26.62 -17.91 -0.77
C GLN A 327 -26.84 -18.92 -1.88
N PRO A 328 -25.99 -19.94 -1.99
CA PRO A 328 -26.10 -20.85 -3.12
C PRO A 328 -27.09 -21.95 -2.84
N LEU A 329 -27.71 -22.42 -3.90
CA LEU A 329 -28.69 -23.50 -3.82
C LEU A 329 -28.22 -24.61 -4.76
N VAL A 330 -27.75 -25.71 -4.21
CA VAL A 330 -27.14 -26.75 -5.03
C VAL A 330 -28.23 -27.60 -5.65
N ILE A 331 -28.17 -27.76 -6.97
CA ILE A 331 -29.18 -28.48 -7.72
C ILE A 331 -28.66 -29.81 -8.27
N GLY A 332 -27.44 -29.83 -8.80
CA GLY A 332 -26.85 -31.09 -9.18
C GLY A 332 -26.28 -31.02 -10.59
N SER A 333 -27.07 -31.45 -11.56
CA SER A 333 -26.55 -31.48 -12.92
C SER A 333 -26.54 -30.10 -13.57
N ASN A 334 -25.74 -29.98 -14.63
CA ASN A 334 -25.73 -28.75 -15.41
C ASN A 334 -27.12 -28.46 -15.97
N GLU A 335 -27.75 -29.49 -16.53
CA GLU A 335 -29.04 -29.27 -17.20
C GLU A 335 -30.11 -28.84 -16.21
N ALA A 336 -30.18 -29.51 -15.04
CA ALA A 336 -31.21 -29.11 -14.08
C ALA A 336 -30.95 -27.72 -13.53
N THR A 337 -29.67 -27.33 -13.39
CA THR A 337 -29.37 -26.00 -12.90
C THR A 337 -29.75 -24.94 -13.92
N LEU A 338 -29.39 -25.16 -15.20
CA LEU A 338 -29.78 -24.21 -16.24
C LEU A 338 -31.30 -24.10 -16.34
N ALA A 339 -31.99 -25.22 -16.19
CA ALA A 339 -33.45 -25.21 -16.27
C ALA A 339 -34.03 -24.35 -15.17
N ALA A 340 -33.48 -24.48 -13.96
CA ALA A 340 -33.97 -23.68 -12.83
C ALA A 340 -33.68 -22.21 -13.06
N MET A 341 -32.48 -21.90 -13.59
CA MET A 341 -32.17 -20.51 -13.92
C MET A 341 -33.16 -19.95 -14.94
N ARG A 342 -33.45 -20.73 -16.00
CA ARG A 342 -34.37 -20.25 -17.03
C ARG A 342 -35.78 -20.04 -16.47
N ALA A 343 -36.19 -20.89 -15.52
CA ALA A 343 -37.50 -20.72 -14.90
C ALA A 343 -37.56 -19.39 -14.14
N LEU A 344 -36.49 -19.04 -13.43
CA LEU A 344 -36.45 -17.76 -12.72
C LEU A 344 -36.38 -16.59 -13.70
N ASP A 345 -35.65 -16.74 -14.80
CA ASP A 345 -35.62 -15.69 -15.82
C ASP A 345 -37.03 -15.34 -16.27
N ALA A 346 -37.90 -16.36 -16.36
CA ALA A 346 -39.26 -16.12 -16.83
C ALA A 346 -40.10 -15.35 -15.83
N HIS A 347 -39.67 -15.29 -14.57
CA HIS A 347 -40.27 -14.46 -13.53
C HIS A 347 -39.58 -13.12 -13.39
N GLY A 348 -38.71 -12.77 -14.34
CA GLY A 348 -38.04 -11.48 -14.30
C GLY A 348 -36.93 -11.38 -13.30
N LEU A 349 -36.34 -12.51 -12.87
CA LEU A 349 -35.29 -12.56 -11.87
C LEU A 349 -34.06 -13.18 -12.51
N TRP A 350 -32.86 -12.66 -12.20
CA TRP A 350 -31.63 -13.29 -12.69
C TRP A 350 -30.89 -13.92 -11.51
N VAL A 351 -30.93 -15.24 -11.43
CA VAL A 351 -30.12 -15.96 -10.44
C VAL A 351 -29.24 -16.91 -11.23
N PRO A 352 -27.93 -16.67 -11.29
CA PRO A 352 -27.09 -17.35 -12.28
C PRO A 352 -26.79 -18.79 -11.90
N ALA A 353 -26.77 -19.65 -12.91
CA ALA A 353 -26.24 -21.00 -12.77
C ALA A 353 -24.73 -20.96 -12.65
N ILE A 354 -24.19 -21.79 -11.76
CA ILE A 354 -22.75 -21.97 -11.58
C ILE A 354 -22.45 -23.44 -11.86
N ARG A 355 -21.42 -23.71 -12.69
CA ARG A 355 -21.14 -25.05 -13.18
C ARG A 355 -19.65 -25.32 -13.15
N PRO A 356 -19.21 -26.56 -13.32
CA PRO A 356 -17.78 -26.80 -13.53
C PRO A 356 -17.24 -25.89 -14.63
N PRO A 357 -15.98 -25.47 -14.55
CA PRO A 357 -15.00 -25.91 -13.55
C PRO A 357 -15.03 -25.14 -12.24
N THR A 358 -15.94 -24.16 -12.12
CA THR A 358 -15.99 -23.31 -10.94
C THR A 358 -16.31 -24.12 -9.69
N VAL A 359 -17.21 -25.10 -9.83
CA VAL A 359 -17.61 -25.95 -8.70
C VAL A 359 -17.42 -27.40 -9.12
N PRO A 360 -17.38 -28.32 -8.15
CA PRO A 360 -17.19 -29.73 -8.50
C PRO A 360 -18.36 -30.30 -9.29
N ALA A 361 -18.02 -31.23 -10.19
CA ALA A 361 -19.04 -31.90 -10.97
C ALA A 361 -20.10 -32.50 -10.06
N GLY A 362 -21.37 -32.39 -10.46
CA GLY A 362 -22.48 -32.90 -9.69
C GLY A 362 -22.97 -31.94 -8.64
N THR A 363 -22.35 -30.75 -8.53
CA THR A 363 -22.75 -29.74 -7.57
C THR A 363 -23.07 -28.42 -8.25
N SER A 364 -23.52 -28.47 -9.50
CA SER A 364 -23.94 -27.23 -10.14
C SER A 364 -25.08 -26.61 -9.33
N ARG A 365 -25.14 -25.28 -9.32
CA ARG A 365 -25.94 -24.60 -8.30
C ARG A 365 -26.42 -23.24 -8.81
N LEU A 366 -27.54 -22.76 -8.24
CA LEU A 366 -27.88 -21.36 -8.42
C LEU A 366 -27.15 -20.54 -7.36
N ARG A 367 -26.60 -19.38 -7.75
CA ARG A 367 -25.92 -18.52 -6.78
C ARG A 367 -26.78 -17.28 -6.52
N ILE A 368 -27.61 -17.33 -5.47
CA ILE A 368 -28.35 -16.14 -5.07
C ILE A 368 -27.34 -15.23 -4.38
N SER A 369 -27.07 -14.06 -4.95
CA SER A 369 -26.16 -13.10 -4.33
CA SER A 369 -26.17 -13.12 -4.28
C SER A 369 -26.98 -11.91 -3.86
N LEU A 370 -27.04 -11.70 -2.53
CA LEU A 370 -27.86 -10.64 -1.96
C LEU A 370 -27.12 -9.31 -1.90
N SER A 371 -27.91 -8.24 -1.97
CA SER A 371 -27.43 -6.87 -1.92
C SER A 371 -28.28 -6.10 -0.92
N ALA A 372 -27.66 -5.16 -0.21
CA ALA A 372 -28.46 -4.27 0.62
C ALA A 372 -29.48 -3.48 -0.19
N ALA A 373 -29.32 -3.41 -1.52
CA ALA A 373 -30.33 -2.74 -2.35
C ALA A 373 -31.60 -3.57 -2.53
N HIS A 374 -31.55 -4.87 -2.26
CA HIS A 374 -32.73 -5.72 -2.40
C HIS A 374 -33.76 -5.39 -1.33
N SER A 375 -35.03 -5.56 -1.70
CA SER A 375 -36.14 -5.36 -0.78
C SER A 375 -36.71 -6.71 -0.33
N PHE A 376 -37.54 -6.67 0.72
CA PHE A 376 -38.26 -7.87 1.09
C PHE A 376 -39.23 -8.31 -0.01
N ASP A 377 -39.81 -7.35 -0.76
CA ASP A 377 -40.65 -7.74 -1.88
CA ASP A 377 -40.65 -7.77 -1.88
C ASP A 377 -39.83 -8.48 -2.94
N ASP A 378 -38.57 -8.07 -3.15
CA ASP A 378 -37.71 -8.81 -4.08
C ASP A 378 -37.57 -10.26 -3.64
N LEU A 379 -37.36 -10.48 -2.34
CA LEU A 379 -37.22 -11.85 -1.84
C LEU A 379 -38.54 -12.62 -1.93
N ALA A 380 -39.67 -11.93 -1.76
CA ALA A 380 -40.96 -12.62 -1.90
C ALA A 380 -41.13 -13.13 -3.31
N ARG A 381 -40.72 -12.33 -4.31
CA ARG A 381 -40.74 -12.77 -5.69
C ARG A 381 -39.80 -13.96 -5.92
N LEU A 382 -38.59 -13.89 -5.35
CA LEU A 382 -37.63 -14.98 -5.46
C LEU A 382 -38.18 -16.27 -4.86
N GLU A 383 -38.81 -16.15 -3.69
CA GLU A 383 -39.42 -17.31 -3.04
C GLU A 383 -40.48 -17.95 -3.94
N THR A 384 -41.39 -17.14 -4.49
CA THR A 384 -42.45 -17.68 -5.33
C THR A 384 -41.88 -18.39 -6.55
N ALA A 385 -40.89 -17.78 -7.19
CA ALA A 385 -40.30 -18.35 -8.39
C ALA A 385 -39.56 -19.65 -8.08
N LEU A 386 -38.78 -19.68 -6.99
CA LEU A 386 -38.05 -20.90 -6.63
C LEU A 386 -38.98 -22.03 -6.25
N LEU A 387 -40.06 -21.73 -5.51
CA LEU A 387 -41.01 -22.78 -5.20
C LEU A 387 -41.65 -23.34 -6.46
N ARG A 388 -41.95 -22.48 -7.44
CA ARG A 388 -42.49 -22.99 -8.69
C ARG A 388 -41.45 -23.81 -9.46
N ALA A 389 -40.22 -23.31 -9.55
CA ALA A 389 -39.14 -24.07 -10.19
C ALA A 389 -38.92 -25.40 -9.50
N SER A 390 -38.99 -25.40 -8.16
CA SER A 390 -38.84 -26.64 -7.40
C SER A 390 -39.99 -27.60 -7.65
N GLU A 391 -41.22 -27.08 -7.71
CA GLU A 391 -42.38 -27.93 -7.95
C GLU A 391 -42.34 -28.54 -9.35
N GLU A 392 -41.90 -27.76 -10.34
CA GLU A 392 -41.77 -28.15 -11.74
CA GLU A 392 -41.92 -28.33 -11.67
C GLU A 392 -40.63 -29.12 -12.00
N ALA A 393 -39.71 -29.25 -11.06
CA ALA A 393 -38.50 -30.05 -11.31
C ALA A 393 -38.81 -31.55 -11.24
N ASN B 2 10.90 -15.28 12.80
CA ASN B 2 11.97 -15.55 11.82
C ASN B 2 11.46 -15.36 10.40
N LEU B 3 10.15 -15.51 10.19
CA LEU B 3 9.63 -15.28 8.85
C LEU B 3 9.95 -13.87 8.41
N LEU B 4 9.80 -12.90 9.30
CA LEU B 4 10.09 -11.52 8.92
C LEU B 4 11.57 -11.30 8.76
N ASP B 5 12.39 -12.01 9.56
CA ASP B 5 13.83 -11.85 9.49
C ASP B 5 14.38 -12.24 8.14
N THR B 6 13.85 -13.31 7.55
CA THR B 6 14.26 -13.69 6.20
C THR B 6 13.98 -12.58 5.19
N LEU B 7 12.80 -11.95 5.26
CA LEU B 7 12.52 -10.84 4.37
C LEU B 7 13.43 -9.66 4.64
N GLN B 8 13.67 -9.37 5.92
CA GLN B 8 14.55 -8.24 6.24
C GLN B 8 15.93 -8.43 5.63
N ARG B 9 16.45 -9.65 5.68
CA ARG B 9 17.76 -9.93 5.11
C ARG B 9 17.72 -9.81 3.59
N GLY B 10 16.65 -10.30 2.97
CA GLY B 10 16.50 -10.14 1.53
C GLY B 10 16.46 -8.69 1.09
N LEU B 11 15.76 -7.85 1.85
CA LEU B 11 15.71 -6.41 1.53
C LEU B 11 17.09 -5.78 1.67
N ALA B 12 17.79 -6.13 2.74
CA ALA B 12 19.14 -5.61 2.94
C ALA B 12 20.06 -6.02 1.81
N ASP B 13 19.92 -7.26 1.33
CA ASP B 13 20.76 -7.72 0.23
CA ASP B 13 20.74 -7.72 0.21
C ASP B 13 20.43 -6.96 -1.06
N LEU B 14 19.16 -6.63 -1.30
CA LEU B 14 18.81 -5.82 -2.48
C LEU B 14 19.49 -4.47 -2.44
N ASP B 15 19.47 -3.79 -1.28
CA ASP B 15 20.17 -2.52 -1.16
C ASP B 15 21.63 -2.70 -1.58
N ALA B 16 22.28 -3.74 -1.06
CA ALA B 16 23.69 -3.94 -1.29
C ALA B 16 24.00 -4.24 -2.75
N GLN B 17 23.07 -4.84 -3.48
CA GLN B 17 23.33 -5.09 -4.90
C GLN B 17 23.02 -3.88 -5.78
N GLY B 18 22.51 -2.79 -5.20
CA GLY B 18 22.09 -1.67 -6.01
C GLY B 18 20.74 -1.87 -6.66
N LEU B 19 19.86 -2.66 -6.05
CA LEU B 19 18.62 -3.04 -6.70
C LEU B 19 17.37 -2.54 -6.00
N ARG B 20 17.50 -1.72 -4.94
CA ARG B 20 16.31 -1.23 -4.24
C ARG B 20 15.53 -0.25 -5.09
N ARG B 21 14.22 -0.46 -5.17
CA ARG B 21 13.29 0.40 -5.90
C ARG B 21 12.56 1.33 -4.93
N VAL B 22 12.32 2.56 -5.35
CA VAL B 22 11.67 3.56 -4.49
C VAL B 22 10.58 4.21 -5.32
N ARG B 23 9.33 4.13 -4.86
CA ARG B 23 8.24 4.77 -5.58
C ARG B 23 8.35 6.27 -5.40
N ARG B 24 7.90 7.01 -6.42
CA ARG B 24 7.71 8.44 -6.33
C ARG B 24 6.24 8.74 -6.52
N THR B 25 5.75 9.83 -5.91
CA THR B 25 4.32 10.10 -5.88
C THR B 25 4.00 11.34 -6.70
N ALA B 26 3.12 11.17 -7.68
CA ALA B 26 2.69 12.28 -8.53
C ALA B 26 1.58 13.08 -7.86
N ASP B 27 1.78 14.39 -7.70
N ASP B 27 1.79 14.38 -7.76
CA ASP B 27 0.72 15.18 -7.12
CA ASP B 27 0.83 15.27 -7.14
C ASP B 27 -0.19 15.83 -8.15
C ASP B 27 -0.05 15.99 -8.15
N SER B 28 0.16 15.73 -9.43
CA SER B 28 -0.64 16.31 -10.49
C SER B 28 -0.82 15.25 -11.56
N ALA B 29 -1.70 15.51 -12.54
CA ALA B 29 -1.93 14.52 -13.59
C ALA B 29 -0.67 14.18 -14.39
N CYS B 30 -0.64 12.95 -14.92
CA CYS B 30 0.44 12.55 -15.81
C CYS B 30 0.49 13.47 -17.03
N ASP B 31 1.65 14.09 -17.25
CA ASP B 31 1.85 15.07 -18.31
C ASP B 31 3.35 15.32 -18.46
N ALA B 32 3.73 16.05 -19.50
CA ALA B 32 5.16 16.30 -19.69
C ALA B 32 5.73 17.06 -18.49
N HIS B 33 5.00 18.07 -18.04
CA HIS B 33 5.36 18.84 -16.86
C HIS B 33 4.41 18.42 -15.74
N MET B 34 4.97 18.00 -14.61
CA MET B 34 4.22 17.38 -13.52
C MET B 34 4.78 17.80 -12.18
N THR B 35 3.96 17.65 -11.13
CA THR B 35 4.42 17.79 -9.75
C THR B 35 4.66 16.40 -9.20
N VAL B 36 5.90 16.12 -8.79
CA VAL B 36 6.25 14.78 -8.31
C VAL B 36 7.03 14.97 -7.03
N ASN B 37 6.63 14.26 -5.97
CA ASN B 37 7.23 14.46 -4.66
C ASN B 37 7.32 15.94 -4.31
N GLY B 38 6.23 16.66 -4.58
CA GLY B 38 6.13 18.05 -4.17
C GLY B 38 6.88 19.08 -4.98
N ARG B 39 7.54 18.66 -6.08
CA ARG B 39 8.32 19.57 -6.91
C ARG B 39 7.90 19.48 -8.39
N GLU B 40 8.02 20.61 -9.09
CA GLU B 40 7.71 20.66 -10.52
C GLU B 40 8.87 20.09 -11.32
N ILE B 41 8.58 19.10 -12.17
CA ILE B 41 9.61 18.42 -12.94
C ILE B 41 9.16 18.33 -14.39
N VAL B 42 10.13 18.02 -15.26
CA VAL B 42 9.84 17.52 -16.61
C VAL B 42 10.02 16.01 -16.56
N GLY B 43 8.95 15.27 -16.83
CA GLY B 43 8.94 13.82 -16.66
C GLY B 43 9.15 13.08 -17.97
N PHE B 44 10.07 12.11 -17.94
CA PHE B 44 10.27 11.16 -19.04
C PHE B 44 10.09 9.73 -18.57
N ALA B 45 9.28 9.54 -17.53
CA ALA B 45 9.12 8.24 -16.93
C ALA B 45 7.90 7.48 -17.45
N SER B 46 6.82 8.15 -17.79
CA SER B 46 5.55 7.47 -18.07
C SER B 46 5.51 6.87 -19.47
N ASN B 47 4.51 6.01 -19.72
CA ASN B 47 4.26 5.44 -21.05
C ASN B 47 3.14 6.17 -21.78
N ASP B 48 2.98 7.46 -21.47
CA ASP B 48 1.87 8.24 -21.98
C ASP B 48 2.24 8.82 -23.37
N TYR B 49 2.45 7.92 -24.34
CA TYR B 49 3.19 8.27 -25.56
C TYR B 49 2.48 9.34 -26.40
N LEU B 50 1.15 9.40 -26.34
CA LEU B 50 0.40 10.37 -27.11
C LEU B 50 -0.05 11.57 -26.28
N GLY B 51 0.35 11.63 -25.01
CA GLY B 51 -0.07 12.71 -24.15
C GLY B 51 -1.54 12.71 -23.81
N LEU B 52 -2.18 11.54 -23.81
CA LEU B 52 -3.63 11.50 -23.60
C LEU B 52 -4.04 11.29 -22.14
N ALA B 53 -3.12 10.92 -21.22
CA ALA B 53 -3.56 10.61 -19.85
C ALA B 53 -4.24 11.78 -19.18
N ALA B 54 -3.90 13.03 -19.55
CA ALA B 54 -4.55 14.20 -18.96
C ALA B 54 -5.54 14.88 -19.90
N HIS B 55 -5.96 14.20 -20.96
CA HIS B 55 -6.72 14.85 -22.02
C HIS B 55 -8.13 15.20 -21.57
N PRO B 56 -8.59 16.42 -21.83
CA PRO B 56 -9.92 16.81 -21.33
C PRO B 56 -11.05 15.93 -21.83
N LYS B 57 -10.96 15.36 -23.05
CA LYS B 57 -12.06 14.51 -23.52
C LYS B 57 -12.14 13.21 -22.73
N LEU B 58 -11.00 12.67 -22.28
CA LEU B 58 -11.01 11.45 -21.47
C LEU B 58 -11.47 11.76 -20.06
N VAL B 59 -11.05 12.90 -19.53
CA VAL B 59 -11.54 13.33 -18.22
C VAL B 59 -13.05 13.48 -18.24
N ALA B 60 -13.59 14.12 -19.28
CA ALA B 60 -15.02 14.31 -19.35
C ALA B 60 -15.74 12.97 -19.50
N ALA B 61 -15.15 12.02 -20.22
CA ALA B 61 -15.78 10.72 -20.39
C ALA B 61 -15.87 9.94 -19.09
N PHE B 62 -14.90 10.08 -18.18
CA PHE B 62 -15.03 9.45 -16.86
C PHE B 62 -16.28 9.94 -16.14
N ALA B 63 -16.50 11.26 -16.15
CA ALA B 63 -17.67 11.80 -15.48
C ALA B 63 -18.93 11.27 -16.13
N GLU B 64 -19.00 11.37 -17.48
CA GLU B 64 -20.21 10.98 -18.19
C GLU B 64 -20.45 9.49 -18.05
N GLY B 65 -19.37 8.69 -18.10
CA GLY B 65 -19.52 7.24 -18.02
C GLY B 65 -20.03 6.81 -16.65
N ALA B 66 -19.53 7.43 -15.60
CA ALA B 66 -20.02 7.08 -14.27
C ALA B 66 -21.47 7.50 -14.07
N GLN B 67 -21.85 8.66 -14.62
CA GLN B 67 -23.23 9.09 -14.54
CA GLN B 67 -23.23 9.07 -14.50
C GLN B 67 -24.15 8.12 -15.26
N ARG B 68 -23.70 7.57 -16.38
CA ARG B 68 -24.57 6.73 -17.20
C ARG B 68 -24.63 5.31 -16.68
N TYR B 69 -23.52 4.79 -16.17
N TYR B 69 -23.50 4.81 -16.19
CA TYR B 69 -23.42 3.36 -15.88
CA TYR B 69 -23.32 3.40 -15.94
C TYR B 69 -23.02 3.06 -14.45
C TYR B 69 -23.07 3.07 -14.46
N GLY B 70 -22.93 4.07 -13.60
CA GLY B 70 -22.57 3.82 -12.21
C GLY B 70 -21.06 3.71 -12.02
N SER B 71 -20.68 3.32 -10.81
CA SER B 71 -19.28 3.21 -10.40
C SER B 71 -18.72 1.82 -10.63
N GLY B 72 -19.29 0.80 -10.04
CA GLY B 72 -18.71 -0.53 -10.15
C GLY B 72 -19.51 -1.40 -11.10
N SER B 73 -18.81 -2.35 -11.74
CA SER B 73 -19.51 -3.30 -12.61
C SER B 73 -20.33 -4.30 -11.80
N GLY B 74 -19.88 -4.57 -10.59
CA GLY B 74 -20.55 -5.51 -9.71
C GLY B 74 -20.17 -6.97 -9.90
N GLY B 75 -19.36 -7.32 -10.90
CA GLY B 75 -18.94 -8.71 -10.98
C GLY B 75 -18.25 -9.08 -12.28
N SER B 76 -18.04 -10.37 -12.45
CA SER B 76 -17.43 -10.92 -13.66
C SER B 76 -18.23 -10.54 -14.91
N HIS B 77 -17.53 -10.43 -16.04
CA HIS B 77 -18.22 -10.30 -17.34
C HIS B 77 -19.14 -11.49 -17.62
N LEU B 78 -18.89 -12.63 -16.98
CA LEU B 78 -19.75 -13.79 -17.19
CA LEU B 78 -19.73 -13.82 -17.16
C LEU B 78 -20.78 -13.95 -16.08
N LEU B 79 -20.90 -12.98 -15.17
N LEU B 79 -20.83 -13.04 -15.13
CA LEU B 79 -21.82 -13.11 -14.01
CA LEU B 79 -21.93 -12.98 -14.19
C LEU B 79 -22.33 -11.75 -13.53
C LEU B 79 -22.59 -11.61 -14.40
N GLY B 80 -22.78 -10.91 -14.46
N GLY B 80 -22.78 -10.87 -13.33
CA GLY B 80 -23.56 -9.73 -14.12
CA GLY B 80 -23.45 -9.60 -13.47
C GLY B 80 -22.83 -8.41 -14.26
C GLY B 80 -22.55 -8.39 -13.61
N GLY B 81 -21.51 -8.44 -14.47
CA GLY B 81 -20.68 -7.26 -14.60
C GLY B 81 -20.47 -6.74 -16.00
N HIS B 82 -21.02 -7.41 -17.02
CA HIS B 82 -20.76 -7.00 -18.40
C HIS B 82 -21.71 -5.88 -18.77
N SER B 83 -21.16 -4.69 -19.02
CA SER B 83 -21.93 -3.50 -19.30
C SER B 83 -22.01 -3.23 -20.81
N ARG B 84 -23.06 -2.52 -21.21
CA ARG B 84 -23.10 -1.95 -22.56
C ARG B 84 -21.82 -1.19 -22.88
N ALA B 85 -21.22 -0.52 -21.88
CA ALA B 85 -19.98 0.20 -22.16
C ALA B 85 -18.88 -0.75 -22.61
N HIS B 86 -18.80 -1.94 -22.00
CA HIS B 86 -17.80 -2.93 -22.41
C HIS B 86 -18.13 -3.47 -23.79
N ALA B 87 -19.43 -3.76 -24.03
CA ALA B 87 -19.81 -4.34 -25.32
C ALA B 87 -19.51 -3.37 -26.47
N LYS B 88 -19.87 -2.09 -26.28
CA LYS B 88 -19.58 -1.09 -27.30
CA LYS B 88 -19.58 -1.08 -27.29
C LYS B 88 -18.08 -0.98 -27.55
N LEU B 89 -17.28 -0.99 -26.50
CA LEU B 89 -15.83 -0.84 -26.65
C LEU B 89 -15.25 -2.03 -27.41
N GLU B 90 -15.75 -3.24 -27.11
CA GLU B 90 -15.29 -4.43 -27.84
C GLU B 90 -15.59 -4.32 -29.33
N ASP B 91 -16.79 -3.86 -29.70
N ASP B 91 -16.77 -3.82 -29.69
CA ASP B 91 -17.10 -3.63 -31.11
CA ASP B 91 -17.08 -3.64 -31.10
C ASP B 91 -16.09 -2.65 -31.71
C ASP B 91 -16.18 -2.60 -31.75
N GLU B 92 -15.83 -1.55 -30.99
CA GLU B 92 -14.99 -0.49 -31.54
C GLU B 92 -13.57 -0.97 -31.75
N LEU B 93 -13.06 -1.76 -30.79
CA LEU B 93 -11.70 -2.31 -30.89
C LEU B 93 -11.59 -3.29 -32.05
N ALA B 94 -12.58 -4.16 -32.22
CA ALA B 94 -12.54 -5.09 -33.34
C ALA B 94 -12.53 -4.35 -34.69
N GLY B 95 -13.34 -3.29 -34.81
CA GLY B 95 -13.38 -2.56 -36.06
C GLY B 95 -12.11 -1.75 -36.31
N PHE B 96 -11.48 -1.28 -35.24
CA PHE B 96 -10.30 -0.40 -35.38
C PHE B 96 -9.03 -1.21 -35.63
N ALA B 97 -8.82 -2.25 -34.83
CA ALA B 97 -7.57 -3.00 -34.83
C ALA B 97 -7.67 -4.38 -35.44
N GLY B 98 -8.86 -4.80 -35.90
CA GLY B 98 -9.01 -6.16 -36.36
C GLY B 98 -8.82 -6.41 -37.84
N GLY B 99 -8.20 -5.46 -38.55
CA GLY B 99 -8.08 -5.59 -40.00
C GLY B 99 -7.31 -6.81 -40.47
N PHE B 100 -6.47 -7.37 -39.59
CA PHE B 100 -5.68 -8.55 -39.94
C PHE B 100 -6.53 -9.81 -40.02
N SER B 101 -7.77 -9.75 -39.53
CA SER B 101 -8.65 -10.92 -39.41
C SER B 101 -9.80 -10.80 -40.40
N ASP B 102 -10.24 -11.94 -40.95
CA ASP B 102 -11.46 -12.00 -41.74
C ASP B 102 -12.75 -12.06 -40.90
N ALA B 103 -12.64 -12.27 -39.60
CA ALA B 103 -13.80 -12.35 -38.71
C ALA B 103 -13.41 -11.84 -37.34
N PRO B 104 -12.98 -10.59 -37.22
CA PRO B 104 -12.42 -10.12 -35.94
C PRO B 104 -13.47 -9.98 -34.85
N ARG B 105 -13.08 -10.36 -33.64
N ARG B 105 -13.06 -10.31 -33.63
CA ARG B 105 -13.78 -9.97 -32.42
CA ARG B 105 -13.79 -10.01 -32.42
C ARG B 105 -12.75 -9.47 -31.43
C ARG B 105 -12.77 -9.53 -31.39
N ALA B 106 -13.22 -8.72 -30.43
CA ALA B 106 -12.32 -8.22 -29.41
C ALA B 106 -12.89 -8.55 -28.04
N LEU B 107 -11.97 -8.69 -27.09
CA LEU B 107 -12.32 -9.08 -25.73
C LEU B 107 -11.58 -8.15 -24.77
N TYR B 108 -12.34 -7.42 -23.94
CA TYR B 108 -11.77 -6.40 -23.07
C TYR B 108 -11.44 -6.97 -21.68
N PHE B 109 -10.22 -6.72 -21.21
CA PHE B 109 -9.69 -7.15 -19.92
C PHE B 109 -9.38 -5.94 -19.05
N SER B 110 -9.32 -6.14 -17.73
CA SER B 110 -9.08 -5.00 -16.88
C SER B 110 -7.61 -4.56 -16.90
N THR B 111 -6.70 -5.46 -17.26
CA THR B 111 -5.33 -5.03 -17.46
CA THR B 111 -5.26 -5.17 -17.31
C THR B 111 -4.65 -5.95 -18.46
N GLY B 112 -3.59 -5.41 -19.07
CA GLY B 112 -2.83 -6.21 -20.04
C GLY B 112 -2.20 -7.43 -19.43
N TYR B 113 -1.75 -7.33 -18.17
CA TYR B 113 -1.18 -8.50 -17.50
C TYR B 113 -2.14 -9.66 -17.61
N MET B 114 -3.42 -9.40 -17.32
CA MET B 114 -4.35 -10.50 -17.34
CA MET B 114 -4.47 -10.42 -17.32
C MET B 114 -4.78 -10.89 -18.73
N ALA B 115 -4.80 -9.97 -19.70
CA ALA B 115 -5.05 -10.39 -21.07
C ALA B 115 -3.98 -11.36 -21.57
N ASN B 116 -2.71 -11.09 -21.21
CA ASN B 116 -1.64 -11.97 -21.66
C ASN B 116 -1.77 -13.34 -21.03
N LEU B 117 -2.08 -13.41 -19.73
CA LEU B 117 -2.27 -14.70 -19.10
C LEU B 117 -3.33 -15.48 -19.86
N ALA B 118 -4.40 -14.79 -20.26
CA ALA B 118 -5.53 -15.45 -20.91
C ALA B 118 -5.14 -15.97 -22.29
N ALA B 119 -4.49 -15.13 -23.09
CA ALA B 119 -4.17 -15.56 -24.45
C ALA B 119 -3.24 -16.76 -24.43
N VAL B 120 -2.25 -16.73 -23.54
CA VAL B 120 -1.28 -17.82 -23.51
C VAL B 120 -1.89 -19.09 -22.91
N THR B 121 -2.56 -18.98 -21.76
CA THR B 121 -3.00 -20.21 -21.11
C THR B 121 -4.14 -20.87 -21.88
N ALA B 122 -5.02 -20.08 -22.50
CA ALA B 122 -6.16 -20.71 -23.17
C ALA B 122 -5.75 -21.40 -24.46
N LEU B 123 -4.69 -20.95 -25.11
CA LEU B 123 -4.31 -21.54 -26.38
C LEU B 123 -3.21 -22.59 -26.30
N ALA B 124 -2.50 -22.69 -25.17
CA ALA B 124 -1.36 -23.60 -25.04
C ALA B 124 -1.57 -24.47 -23.80
N GLY B 125 -1.82 -25.76 -24.01
CA GLY B 125 -2.01 -26.69 -22.91
C GLY B 125 -0.81 -27.58 -22.66
N LYS B 126 -1.02 -28.55 -21.78
N LYS B 126 -1.05 -28.65 -21.90
CA LYS B 126 -0.12 -29.68 -21.74
CA LYS B 126 0.05 -29.53 -21.48
C LYS B 126 -0.09 -30.29 -23.13
C LYS B 126 0.73 -30.23 -22.65
N ASP B 127 1.10 -30.65 -23.57
N ASP B 127 0.05 -30.33 -23.80
CA ASP B 127 1.43 -31.19 -24.90
CA ASP B 127 0.54 -30.99 -25.01
C ASP B 127 1.55 -30.09 -25.97
C ASP B 127 1.49 -30.10 -25.81
N ALA B 128 1.38 -28.79 -25.65
CA ALA B 128 1.85 -27.78 -26.59
C ALA B 128 3.29 -27.38 -26.30
N THR B 129 3.91 -26.72 -27.26
CA THR B 129 5.19 -26.05 -27.01
C THR B 129 5.05 -24.59 -27.35
N ILE B 130 5.48 -23.72 -26.43
CA ILE B 130 5.51 -22.27 -26.62
C ILE B 130 6.92 -21.86 -26.94
N PHE B 131 7.08 -21.00 -27.95
CA PHE B 131 8.37 -20.44 -28.30
C PHE B 131 8.32 -18.96 -28.00
N SER B 132 9.18 -18.50 -27.11
CA SER B 132 9.07 -17.18 -26.48
CA SER B 132 9.05 -17.16 -26.58
C SER B 132 10.35 -16.37 -26.72
N ASP B 133 10.23 -15.12 -27.20
CA ASP B 133 11.41 -14.27 -27.35
C ASP B 133 12.05 -14.03 -25.98
N ALA B 134 13.39 -14.15 -25.93
CA ALA B 134 14.12 -13.99 -24.67
C ALA B 134 13.82 -12.69 -23.92
N LEU B 135 13.47 -11.62 -24.63
CA LEU B 135 13.27 -10.33 -23.98
C LEU B 135 11.80 -9.99 -23.78
N ASN B 136 10.91 -11.00 -23.85
CA ASN B 136 9.49 -10.76 -23.63
C ASN B 136 9.20 -10.17 -22.25
N HIS B 137 8.10 -9.41 -22.20
CA HIS B 137 7.59 -8.81 -20.97
C HIS B 137 7.31 -9.87 -19.91
N ALA B 138 7.42 -9.45 -18.64
CA ALA B 138 7.17 -10.36 -17.51
C ALA B 138 5.80 -11.03 -17.55
N SER B 139 4.75 -10.30 -17.96
CA SER B 139 3.43 -10.90 -17.96
C SER B 139 3.31 -12.00 -19.00
N LEU B 140 3.98 -11.86 -20.15
CA LEU B 140 4.00 -12.95 -21.12
C LEU B 140 4.72 -14.15 -20.54
N ILE B 141 5.85 -13.92 -19.88
N ILE B 141 5.86 -13.90 -19.90
CA ILE B 141 6.56 -15.03 -19.26
CA ILE B 141 6.58 -14.97 -19.21
C ILE B 141 5.70 -15.70 -18.18
C ILE B 141 5.67 -15.68 -18.21
N ASP B 142 4.99 -14.91 -17.35
CA ASP B 142 4.09 -15.52 -16.38
C ASP B 142 2.99 -16.34 -17.05
N GLY B 143 2.45 -15.85 -18.17
CA GLY B 143 1.48 -16.65 -18.92
C GLY B 143 2.06 -17.98 -19.35
N THR B 144 3.29 -17.98 -19.83
CA THR B 144 3.89 -19.25 -20.27
C THR B 144 4.12 -20.20 -19.09
N ARG B 145 4.44 -19.67 -17.90
CA ARG B 145 4.57 -20.56 -16.72
CA ARG B 145 4.58 -20.56 -16.75
C ARG B 145 3.23 -21.12 -16.30
N LEU B 146 2.17 -20.29 -16.33
CA LEU B 146 0.86 -20.79 -15.93
C LEU B 146 0.32 -21.82 -16.88
N SER B 147 0.76 -21.79 -18.15
N SER B 147 0.63 -21.69 -18.18
CA SER B 147 0.17 -22.61 -19.21
CA SER B 147 0.23 -22.73 -19.11
C SER B 147 0.44 -24.11 -19.07
C SER B 147 0.94 -24.02 -18.76
N ARG B 148 1.51 -24.51 -18.40
N ARG B 148 0.27 -25.14 -19.02
CA ARG B 148 1.96 -25.90 -18.30
CA ARG B 148 0.91 -26.43 -18.81
C ARG B 148 2.51 -26.48 -19.62
C ARG B 148 1.89 -26.79 -19.93
N ALA B 149 2.27 -25.83 -20.76
CA ALA B 149 2.99 -26.15 -22.01
C ALA B 149 4.49 -26.21 -21.74
N THR B 150 5.23 -26.93 -22.60
CA THR B 150 6.68 -26.81 -22.62
C THR B 150 7.08 -25.47 -23.21
N VAL B 151 8.08 -24.81 -22.62
CA VAL B 151 8.50 -23.48 -23.07
C VAL B 151 9.93 -23.54 -23.58
N GLN B 152 10.14 -23.11 -24.83
CA GLN B 152 11.45 -22.95 -25.41
CA GLN B 152 11.45 -22.97 -25.48
C GLN B 152 11.69 -21.48 -25.69
N VAL B 153 12.82 -20.96 -25.24
CA VAL B 153 13.13 -19.54 -25.39
C VAL B 153 14.03 -19.37 -26.59
N TYR B 154 13.66 -18.46 -27.49
CA TYR B 154 14.56 -18.21 -28.60
C TYR B 154 15.27 -16.87 -28.40
N PRO B 155 16.50 -16.75 -28.88
CA PRO B 155 17.28 -15.52 -28.68
C PRO B 155 16.55 -14.34 -29.31
N HIS B 156 16.74 -13.16 -28.72
CA HIS B 156 15.96 -11.99 -29.11
C HIS B 156 15.98 -11.78 -30.62
N ALA B 157 14.78 -11.74 -31.19
CA ALA B 157 14.54 -11.43 -32.59
C ALA B 157 15.25 -12.38 -33.54
N ASP B 158 15.68 -13.55 -33.06
CA ASP B 158 16.53 -14.46 -33.84
C ASP B 158 15.63 -15.46 -34.56
N THR B 159 15.16 -15.05 -35.73
CA THR B 159 14.23 -15.90 -36.47
C THR B 159 14.93 -17.09 -37.10
N ALA B 160 16.22 -16.98 -37.43
CA ALA B 160 16.94 -18.16 -37.93
C ALA B 160 16.93 -19.27 -36.89
N THR B 161 17.26 -18.93 -35.64
CA THR B 161 17.22 -19.92 -34.57
C THR B 161 15.79 -20.39 -34.32
N LEU B 162 14.82 -19.47 -34.24
CA LEU B 162 13.44 -19.90 -34.01
C LEU B 162 13.01 -20.90 -35.06
N GLY B 163 13.33 -20.65 -36.33
CA GLY B 163 12.97 -21.59 -37.37
C GLY B 163 13.59 -22.97 -37.14
N ALA B 164 14.84 -23.01 -36.72
CA ALA B 164 15.46 -24.31 -36.46
C ALA B 164 14.76 -25.02 -35.30
N LEU B 165 14.38 -24.26 -34.27
CA LEU B 165 13.67 -24.85 -33.14
C LEU B 165 12.31 -25.35 -33.55
N LEU B 166 11.57 -24.58 -34.36
CA LEU B 166 10.26 -25.03 -34.82
C LEU B 166 10.37 -26.30 -35.65
N GLU B 167 11.35 -26.37 -36.56
CA GLU B 167 11.53 -27.54 -37.39
C GLU B 167 11.80 -28.79 -36.54
N ALA B 168 12.51 -28.62 -35.43
CA ALA B 168 12.88 -29.72 -34.52
C ALA B 168 11.75 -30.16 -33.60
N CYS B 169 10.70 -29.35 -33.49
CA CYS B 169 9.64 -29.58 -32.52
C CYS B 169 8.57 -30.49 -33.09
N THR B 170 8.16 -31.50 -32.31
CA THR B 170 7.15 -32.45 -32.75
C THR B 170 5.76 -32.23 -32.13
N SER B 171 5.53 -31.15 -31.41
CA SER B 171 4.24 -30.95 -30.75
C SER B 171 3.15 -30.65 -31.78
N GLN B 172 1.94 -31.18 -31.54
CA GLN B 172 0.80 -30.86 -32.39
C GLN B 172 0.41 -29.39 -32.29
N THR B 173 0.46 -28.81 -31.08
CA THR B 173 0.11 -27.41 -30.87
C THR B 173 1.38 -26.65 -30.59
N LYS B 174 1.63 -25.59 -31.38
CA LYS B 174 2.78 -24.71 -31.18
C LYS B 174 2.28 -23.27 -31.11
N LEU B 175 2.91 -22.46 -30.27
CA LEU B 175 2.58 -21.06 -30.11
CA LEU B 175 2.59 -21.05 -30.08
C LEU B 175 3.89 -20.28 -30.09
N ILE B 176 3.94 -19.20 -30.88
CA ILE B 176 5.06 -18.25 -30.86
C ILE B 176 4.54 -17.01 -30.18
N VAL B 177 5.25 -16.49 -29.19
CA VAL B 177 4.76 -15.34 -28.42
CA VAL B 177 4.77 -15.36 -28.39
C VAL B 177 5.86 -14.29 -28.33
N THR B 178 5.49 -13.05 -28.61
CA THR B 178 6.50 -12.00 -28.66
C THR B 178 5.87 -10.64 -28.36
N ASP B 179 6.63 -9.76 -27.70
CA ASP B 179 6.31 -8.35 -27.72
C ASP B 179 6.41 -7.88 -29.18
N THR B 180 5.70 -6.82 -29.51
CA THR B 180 5.99 -6.12 -30.78
C THR B 180 7.10 -5.09 -30.53
N VAL B 181 6.77 -4.02 -29.84
CA VAL B 181 7.77 -3.04 -29.40
C VAL B 181 8.27 -3.55 -28.05
N PHE B 182 9.58 -3.75 -27.91
CA PHE B 182 10.11 -4.27 -26.65
C PHE B 182 10.22 -3.17 -25.59
N SER B 183 9.55 -3.38 -24.44
CA SER B 183 9.24 -2.32 -23.48
C SER B 183 10.46 -1.56 -22.96
N MET B 184 11.62 -2.22 -22.86
CA MET B 184 12.80 -1.61 -22.24
C MET B 184 13.90 -1.33 -23.27
N ASP B 185 13.58 -1.50 -24.55
CA ASP B 185 14.55 -1.41 -25.65
C ASP B 185 14.06 -0.51 -26.78
N GLY B 186 12.81 -0.69 -27.20
CA GLY B 186 12.25 0.19 -28.20
C GLY B 186 12.35 -0.35 -29.61
N ASP B 187 13.04 -1.49 -29.81
CA ASP B 187 13.04 -2.12 -31.13
C ASP B 187 11.74 -2.89 -31.34
N ILE B 188 11.49 -3.22 -32.61
CA ILE B 188 10.24 -3.86 -33.04
C ILE B 188 10.54 -5.23 -33.58
N ALA B 189 9.78 -6.21 -33.13
CA ALA B 189 9.95 -7.61 -33.54
C ALA B 189 9.81 -7.76 -35.04
N PRO B 190 10.45 -8.75 -35.62
CA PRO B 190 10.37 -9.04 -37.07
C PRO B 190 9.08 -9.77 -37.39
N LEU B 191 7.96 -9.03 -37.37
CA LEU B 191 6.65 -9.68 -37.34
C LEU B 191 6.36 -10.44 -38.63
N ALA B 192 6.73 -9.89 -39.79
CA ALA B 192 6.46 -10.60 -41.03
C ALA B 192 7.16 -11.95 -41.07
N GLU B 193 8.43 -12.02 -40.62
CA GLU B 193 9.13 -13.31 -40.65
CA GLU B 193 9.11 -13.31 -40.66
C GLU B 193 8.55 -14.25 -39.60
N LEU B 194 8.18 -13.71 -38.43
CA LEU B 194 7.54 -14.55 -37.41
C LEU B 194 6.24 -15.13 -37.92
N LEU B 195 5.44 -14.33 -38.64
CA LEU B 195 4.18 -14.87 -39.17
C LEU B 195 4.43 -15.92 -40.24
N ALA B 196 5.43 -15.70 -41.11
CA ALA B 196 5.78 -16.71 -42.10
C ALA B 196 6.16 -18.02 -41.42
N LEU B 197 6.91 -17.94 -40.32
CA LEU B 197 7.25 -19.15 -39.57
C LEU B 197 6.02 -19.79 -38.93
N ALA B 198 5.13 -18.96 -38.39
CA ALA B 198 3.91 -19.50 -37.76
C ALA B 198 3.06 -20.24 -38.77
N GLU B 199 2.93 -19.68 -39.99
CA GLU B 199 2.13 -20.33 -41.02
C GLU B 199 2.82 -21.60 -41.52
N ARG B 200 4.15 -21.57 -41.68
CA ARG B 200 4.88 -22.75 -42.13
C ARG B 200 4.78 -23.90 -41.14
N HIS B 201 4.75 -23.58 -39.84
CA HIS B 201 4.85 -24.59 -38.80
C HIS B 201 3.54 -24.82 -38.05
N GLY B 202 2.43 -24.27 -38.54
CA GLY B 202 1.14 -24.52 -37.94
C GLY B 202 1.01 -24.00 -36.52
N ALA B 203 1.52 -22.81 -36.26
CA ALA B 203 1.56 -22.24 -34.93
C ALA B 203 0.68 -21.01 -34.78
N TRP B 204 0.14 -20.80 -33.59
CA TRP B 204 -0.39 -19.48 -33.26
C TRP B 204 0.76 -18.48 -33.17
N LEU B 205 0.48 -17.23 -33.53
CA LEU B 205 1.43 -16.13 -33.27
C LEU B 205 0.73 -15.10 -32.41
N VAL B 206 1.10 -15.06 -31.14
CA VAL B 206 0.51 -14.13 -30.17
C VAL B 206 1.46 -12.95 -30.09
N VAL B 207 0.96 -11.74 -30.37
CA VAL B 207 1.82 -10.54 -30.37
C VAL B 207 1.26 -9.55 -29.35
N ASP B 208 2.15 -9.03 -28.51
CA ASP B 208 1.77 -8.11 -27.43
C ASP B 208 2.20 -6.73 -27.86
N ASP B 209 1.22 -5.91 -28.28
CA ASP B 209 1.47 -4.59 -28.85
C ASP B 209 1.22 -3.48 -27.83
N ALA B 210 1.50 -3.77 -26.55
CA ALA B 210 1.32 -2.77 -25.51
C ALA B 210 1.95 -1.42 -25.84
N HIS B 211 3.14 -1.41 -26.42
CA HIS B 211 3.84 -0.16 -26.70
C HIS B 211 3.75 0.27 -28.15
N GLY B 212 2.97 -0.45 -28.97
CA GLY B 212 2.76 0.00 -30.34
C GLY B 212 1.33 0.46 -30.59
N PHE B 213 0.36 -0.03 -29.82
CA PHE B 213 -1.02 0.37 -30.08
C PHE B 213 -1.16 1.87 -29.89
N GLY B 214 -1.79 2.54 -30.87
CA GLY B 214 -1.97 3.97 -30.84
C GLY B 214 -0.83 4.74 -31.49
N VAL B 215 0.37 4.17 -31.57
CA VAL B 215 1.51 4.93 -32.06
C VAL B 215 2.09 4.36 -33.34
N LEU B 216 1.88 3.09 -33.63
CA LEU B 216 2.33 2.52 -34.89
C LEU B 216 1.16 2.35 -35.84
N GLY B 217 1.46 2.32 -37.12
CA GLY B 217 0.49 1.93 -38.11
C GLY B 217 -0.42 3.07 -38.54
N PRO B 218 -1.15 2.86 -39.63
CA PRO B 218 -2.10 3.88 -40.08
C PRO B 218 -3.13 4.16 -38.98
N GLN B 219 -3.36 5.45 -38.72
CA GLN B 219 -4.26 5.93 -37.68
C GLN B 219 -3.93 5.36 -36.30
N GLY B 220 -2.72 4.86 -36.08
CA GLY B 220 -2.40 4.30 -34.77
C GLY B 220 -2.99 2.93 -34.52
N ARG B 221 -3.36 2.21 -35.57
CA ARG B 221 -4.01 0.91 -35.40
C ARG B 221 -3.05 -0.16 -34.89
N GLY B 222 -1.75 0.09 -34.89
CA GLY B 222 -0.80 -0.77 -34.19
C GLY B 222 0.17 -1.47 -35.13
N ALA B 223 0.92 -2.40 -34.52
CA ALA B 223 2.07 -3.02 -35.20
C ALA B 223 1.65 -3.93 -36.34
N LEU B 224 0.53 -4.63 -36.22
CA LEU B 224 0.13 -5.49 -37.34
C LEU B 224 -0.33 -4.66 -38.52
N ALA B 225 -1.03 -3.55 -38.25
CA ALA B 225 -1.43 -2.67 -39.33
C ALA B 225 -0.21 -2.05 -40.00
N ALA B 226 0.80 -1.67 -39.20
CA ALA B 226 2.03 -1.13 -39.78
C ALA B 226 2.70 -2.15 -40.67
N ALA B 227 2.75 -3.39 -40.21
CA ALA B 227 3.41 -4.46 -40.97
C ALA B 227 2.56 -4.99 -42.10
N ALA B 228 1.29 -4.56 -42.17
CA ALA B 228 0.33 -4.97 -43.22
C ALA B 228 0.19 -6.49 -43.30
N LEU B 229 0.00 -7.11 -42.14
CA LEU B 229 -0.10 -8.55 -42.05
C LEU B 229 -1.55 -8.98 -41.87
N ARG B 230 -1.91 -10.11 -42.49
CA ARG B 230 -3.23 -10.71 -42.29
C ARG B 230 -3.07 -12.21 -42.17
N SER B 231 -3.72 -12.80 -41.17
CA SER B 231 -3.70 -14.25 -41.00
C SER B 231 -4.65 -14.68 -39.90
N PRO B 232 -5.33 -15.82 -40.05
CA PRO B 232 -6.08 -16.38 -38.90
C PRO B 232 -5.17 -16.85 -37.77
N HIS B 233 -3.86 -17.00 -38.01
CA HIS B 233 -2.92 -17.45 -36.99
C HIS B 233 -2.63 -16.37 -35.96
N LEU B 234 -2.96 -15.10 -36.26
CA LEU B 234 -2.58 -13.98 -35.41
C LEU B 234 -3.56 -13.81 -34.26
N VAL B 235 -2.99 -13.57 -33.08
CA VAL B 235 -3.70 -13.24 -31.85
C VAL B 235 -3.07 -11.97 -31.34
N TYR B 236 -3.82 -10.88 -31.33
CA TYR B 236 -3.29 -9.54 -31.06
C TYR B 236 -3.67 -9.11 -29.66
N VAL B 237 -2.69 -8.71 -28.84
CA VAL B 237 -2.99 -8.18 -27.50
C VAL B 237 -2.58 -6.71 -27.50
N GLY B 238 -3.52 -5.83 -27.17
CA GLY B 238 -3.22 -4.42 -27.02
C GLY B 238 -3.48 -3.98 -25.59
N THR B 239 -2.88 -2.90 -25.12
CA THR B 239 -3.25 -2.38 -23.80
C THR B 239 -3.72 -0.96 -23.97
N LEU B 240 -4.45 -0.51 -22.96
CA LEU B 240 -5.11 0.77 -23.05
C LEU B 240 -4.62 1.75 -21.99
N GLY B 241 -3.57 1.39 -21.24
CA GLY B 241 -3.03 2.27 -20.21
C GLY B 241 -1.68 2.92 -20.50
N ALA B 243 -0.19 4.24 -24.61
CA ALA B 243 -0.55 5.39 -25.43
C ALA B 243 -2.02 5.81 -25.32
N ALA B 244 -2.91 4.86 -25.03
CA ALA B 244 -4.33 5.24 -25.00
C ALA B 244 -4.75 6.05 -23.77
N GLY B 245 -3.91 6.15 -22.75
CA GLY B 245 -4.14 7.11 -21.69
C GLY B 245 -5.21 6.77 -20.67
N VAL B 246 -5.69 5.53 -20.61
CA VAL B 246 -6.67 5.13 -19.60
C VAL B 246 -6.13 3.89 -18.88
N ALA B 247 -6.80 2.75 -19.03
CA ALA B 247 -6.36 1.48 -18.44
C ALA B 247 -7.16 0.37 -19.11
N GLY B 248 -6.68 -0.86 -18.94
CA GLY B 248 -7.35 -2.01 -19.51
C GLY B 248 -6.52 -2.58 -20.65
N ALA B 249 -7.07 -3.59 -21.31
CA ALA B 249 -6.36 -4.22 -22.40
C ALA B 249 -7.36 -5.01 -23.21
N PHE B 250 -6.89 -5.56 -24.35
CA PHE B 250 -7.87 -6.26 -25.17
C PHE B 250 -7.13 -7.28 -26.02
N VAL B 251 -7.83 -8.35 -26.37
CA VAL B 251 -7.36 -9.34 -27.31
C VAL B 251 -8.24 -9.22 -28.56
N VAL B 252 -7.61 -9.17 -29.73
CA VAL B 252 -8.34 -9.22 -31.00
C VAL B 252 -7.90 -10.46 -31.74
N ALA B 253 -8.87 -11.23 -32.24
CA ALA B 253 -8.54 -12.46 -32.94
C ALA B 253 -9.75 -12.90 -33.73
N HIS B 254 -9.60 -14.01 -34.44
CA HIS B 254 -10.74 -14.63 -35.07
C HIS B 254 -11.84 -14.87 -34.04
N GLU B 255 -13.09 -14.73 -34.49
CA GLU B 255 -14.24 -14.89 -33.59
C GLU B 255 -14.17 -16.20 -32.80
N THR B 256 -13.65 -17.27 -33.41
CA THR B 256 -13.57 -18.55 -32.72
C THR B 256 -12.57 -18.51 -31.55
N VAL B 257 -11.44 -17.83 -31.74
CA VAL B 257 -10.46 -17.68 -30.68
C VAL B 257 -11.07 -16.89 -29.53
N ILE B 258 -11.76 -15.80 -29.86
CA ILE B 258 -12.33 -14.99 -28.80
C ILE B 258 -13.37 -15.79 -28.03
N GLU B 259 -14.21 -16.55 -28.74
CA GLU B 259 -15.22 -17.36 -28.06
C GLU B 259 -14.56 -18.36 -27.11
N TRP B 260 -13.44 -18.96 -27.55
CA TRP B 260 -12.70 -19.89 -26.69
C TRP B 260 -12.19 -19.21 -25.42
N LEU B 261 -11.65 -17.99 -25.55
CA LEU B 261 -11.18 -17.28 -24.35
C LEU B 261 -12.35 -16.98 -23.40
N ILE B 262 -13.49 -16.58 -23.95
CA ILE B 262 -14.67 -16.36 -23.08
C ILE B 262 -15.05 -17.61 -22.31
N GLN B 263 -14.97 -18.78 -22.97
CA GLN B 263 -15.37 -20.02 -22.34
C GLN B 263 -14.37 -20.51 -21.30
N ARG B 264 -13.08 -20.23 -21.51
CA ARG B 264 -12.01 -20.97 -20.85
C ARG B 264 -11.01 -20.13 -20.05
N ALA B 265 -10.76 -18.87 -20.43
CA ALA B 265 -9.61 -18.15 -19.86
C ALA B 265 -9.90 -17.72 -18.41
N ARG B 266 -9.12 -18.27 -17.47
CA ARG B 266 -9.39 -18.00 -16.05
C ARG B 266 -9.24 -16.52 -15.71
N SER B 267 -8.25 -15.83 -16.32
CA SER B 267 -8.09 -14.41 -16.01
C SER B 267 -9.03 -13.52 -16.81
N TYR B 268 -9.90 -14.11 -17.64
CA TYR B 268 -11.04 -13.38 -18.14
C TYR B 268 -12.24 -13.59 -17.25
N ILE B 269 -12.51 -14.85 -16.87
CA ILE B 269 -13.75 -15.23 -16.19
C ILE B 269 -13.74 -14.83 -14.72
N PHE B 270 -12.68 -15.16 -13.99
CA PHE B 270 -12.77 -15.18 -12.53
C PHE B 270 -12.22 -13.89 -11.94
N THR B 271 -12.75 -12.77 -12.43
CA THR B 271 -12.32 -11.44 -12.00
C THR B 271 -13.43 -10.44 -12.29
N THR B 272 -13.48 -9.37 -11.48
CA THR B 272 -14.47 -8.31 -11.62
C THR B 272 -14.24 -7.53 -12.91
N ALA B 273 -15.30 -7.31 -13.68
CA ALA B 273 -15.19 -6.46 -14.87
C ALA B 273 -14.76 -5.05 -14.43
N ALA B 274 -13.93 -4.41 -15.25
CA ALA B 274 -13.49 -3.05 -14.90
C ALA B 274 -14.67 -2.08 -14.83
N PRO B 275 -14.53 -0.99 -14.09
CA PRO B 275 -15.65 -0.03 -13.95
C PRO B 275 -16.09 0.44 -15.32
N PRO B 276 -17.40 0.48 -15.61
CA PRO B 276 -17.82 0.85 -16.97
C PRO B 276 -17.40 2.27 -17.37
N ALA B 277 -17.23 3.19 -16.41
CA ALA B 277 -16.72 4.52 -16.78
C ALA B 277 -15.33 4.43 -17.41
N VAL B 278 -14.50 3.45 -17.01
CA VAL B 278 -13.20 3.29 -17.63
C VAL B 278 -13.34 2.92 -19.10
N ALA B 279 -14.20 1.95 -19.41
CA ALA B 279 -14.45 1.59 -20.80
C ALA B 279 -14.99 2.79 -21.58
N HIS B 280 -15.91 3.56 -20.98
CA HIS B 280 -16.44 4.75 -21.66
C HIS B 280 -15.32 5.72 -22.00
N ALA B 281 -14.38 5.91 -21.08
CA ALA B 281 -13.25 6.78 -21.36
C ALA B 281 -12.34 6.22 -22.46
N VAL B 282 -12.16 4.89 -22.52
CA VAL B 282 -11.38 4.31 -23.63
C VAL B 282 -12.08 4.58 -24.96
N SER B 283 -13.41 4.45 -25.01
CA SER B 283 -14.12 4.76 -26.26
C SER B 283 -13.82 6.18 -26.72
N ALA B 284 -13.78 7.13 -25.77
CA ALA B 284 -13.42 8.50 -26.12
C ALA B 284 -11.98 8.58 -26.59
N SER B 285 -11.07 7.84 -25.94
CA SER B 285 -9.67 7.84 -26.37
C SER B 285 -9.50 7.33 -27.80
N LEU B 286 -10.20 6.24 -28.16
CA LEU B 286 -10.06 5.70 -29.52
C LEU B 286 -10.40 6.74 -30.57
N LYS B 287 -11.40 7.60 -30.29
CA LYS B 287 -11.73 8.62 -31.27
C LYS B 287 -10.61 9.63 -31.41
N VAL B 288 -9.95 9.99 -30.30
CA VAL B 288 -8.81 10.90 -30.39
C VAL B 288 -7.66 10.22 -31.14
N ILE B 289 -7.38 8.98 -30.79
CA ILE B 289 -6.27 8.26 -31.40
C ILE B 289 -6.42 8.21 -32.92
N ALA B 290 -7.63 7.91 -33.40
CA ALA B 290 -7.83 7.56 -34.80
C ALA B 290 -7.92 8.74 -35.77
N GLY B 291 -8.24 9.92 -35.27
CA GLY B 291 -8.54 11.07 -36.11
C GLY B 291 -7.36 12.00 -36.33
N ASP B 292 -7.68 13.22 -36.81
CA ASP B 292 -6.66 14.21 -37.17
C ASP B 292 -5.79 14.57 -35.99
N GLU B 293 -6.39 14.66 -34.80
CA GLU B 293 -5.58 14.99 -33.63
C GLU B 293 -4.60 13.87 -33.29
N GLY B 294 -5.05 12.61 -33.38
CA GLY B 294 -4.12 11.50 -33.19
C GLY B 294 -3.00 11.53 -34.21
N ASP B 295 -3.33 11.85 -35.46
CA ASP B 295 -2.28 11.97 -36.48
C ASP B 295 -1.29 13.05 -36.11
N ALA B 296 -1.77 14.19 -35.62
CA ALA B 296 -0.87 15.28 -35.27
C ALA B 296 0.01 14.92 -34.09
N ARG B 297 -0.57 14.25 -33.09
CA ARG B 297 0.21 13.81 -31.94
C ARG B 297 1.28 12.81 -32.36
N ARG B 298 0.94 11.87 -33.24
CA ARG B 298 1.95 10.93 -33.72
C ARG B 298 3.04 11.65 -34.52
N ALA B 299 2.68 12.64 -35.34
CA ALA B 299 3.69 13.35 -36.11
C ALA B 299 4.64 14.10 -35.19
N HIS B 300 4.12 14.77 -34.16
CA HIS B 300 5.03 15.46 -33.24
C HIS B 300 5.91 14.48 -32.49
N LEU B 301 5.34 13.36 -32.04
CA LEU B 301 6.13 12.30 -31.40
C LEU B 301 7.24 11.81 -32.33
N ALA B 302 6.96 11.63 -33.62
CA ALA B 302 8.02 11.21 -34.53
C ALA B 302 9.13 12.26 -34.59
N ALA B 303 8.77 13.55 -34.56
CA ALA B 303 9.78 14.60 -34.57
C ALA B 303 10.60 14.58 -33.28
N LEU B 304 9.95 14.35 -32.13
CA LEU B 304 10.68 14.22 -30.88
C LEU B 304 11.66 13.05 -30.92
N ILE B 305 11.24 11.96 -31.55
CA ILE B 305 12.10 10.77 -31.63
C ILE B 305 13.34 11.07 -32.44
N GLU B 306 13.18 11.77 -33.58
CA GLU B 306 14.37 12.14 -34.36
C GLU B 306 15.35 12.94 -33.51
N ARG B 307 14.84 13.95 -32.78
CA ARG B 307 15.75 14.78 -32.01
C ARG B 307 16.36 14.02 -30.84
N THR B 308 15.60 13.10 -30.25
CA THR B 308 16.10 12.33 -29.11
C THR B 308 17.17 11.35 -29.57
N ARG B 309 16.98 10.72 -30.73
CA ARG B 309 18.04 9.85 -31.23
C ARG B 309 19.36 10.63 -31.34
N ALA B 310 19.28 11.86 -31.84
CA ALA B 310 20.48 12.66 -31.99
C ALA B 310 21.09 13.03 -30.63
N LEU B 311 20.26 13.49 -29.68
CA LEU B 311 20.86 13.99 -28.45
C LEU B 311 21.43 12.86 -27.60
N LEU B 312 20.79 11.69 -27.60
CA LEU B 312 21.35 10.60 -26.81
C LEU B 312 22.72 10.21 -27.33
N ARG B 313 22.93 10.27 -28.64
CA ARG B 313 24.21 9.89 -29.20
C ARG B 313 25.30 10.93 -28.96
N ARG B 314 24.99 12.08 -28.38
CA ARG B 314 26.03 13.04 -28.02
CA ARG B 314 26.01 13.04 -28.01
C ARG B 314 26.59 12.80 -26.63
N THR B 315 26.05 11.85 -25.87
CA THR B 315 26.59 11.48 -24.58
C THR B 315 27.69 10.42 -24.76
N ARG B 316 28.32 10.03 -23.65
CA ARG B 316 29.32 8.96 -23.68
C ARG B 316 28.71 7.57 -23.70
N TRP B 317 27.40 7.45 -23.56
CA TRP B 317 26.73 6.16 -23.38
C TRP B 317 26.11 5.69 -24.68
N GLN B 318 25.62 4.43 -24.69
CA GLN B 318 25.15 3.82 -25.93
C GLN B 318 23.63 3.67 -25.92
N PRO B 319 22.87 4.44 -26.69
CA PRO B 319 21.43 4.20 -26.76
C PRO B 319 21.12 3.00 -27.65
N VAL B 320 19.95 2.43 -27.39
CA VAL B 320 19.41 1.41 -28.27
C VAL B 320 18.95 2.06 -29.57
N ASP B 321 19.10 1.34 -30.68
CA ASP B 321 18.70 1.87 -31.99
C ASP B 321 17.17 1.74 -32.07
N SER B 322 16.48 2.77 -31.59
CA SER B 322 15.04 2.77 -31.47
C SER B 322 14.46 3.90 -32.29
N HIS B 323 13.39 3.58 -33.04
CA HIS B 323 12.59 4.59 -33.71
C HIS B 323 11.21 4.77 -33.07
N THR B 324 11.04 4.30 -31.83
CA THR B 324 9.79 4.45 -31.08
C THR B 324 10.00 5.44 -29.93
N ALA B 325 8.92 5.71 -29.19
CA ALA B 325 8.98 6.62 -28.07
C ALA B 325 9.82 6.09 -26.94
N VAL B 326 10.14 4.79 -26.95
CA VAL B 326 11.00 4.19 -25.95
C VAL B 326 12.45 4.42 -26.37
N GLN B 327 13.17 5.26 -25.62
CA GLN B 327 14.53 5.68 -25.98
C GLN B 327 15.50 5.40 -24.85
N PRO B 328 15.97 4.16 -24.71
CA PRO B 328 16.83 3.81 -23.56
C PRO B 328 18.26 4.17 -23.86
N LEU B 329 18.98 4.50 -22.79
CA LEU B 329 20.37 4.88 -22.87
C LEU B 329 21.11 3.94 -21.93
N VAL B 330 21.88 3.00 -22.49
CA VAL B 330 22.50 1.98 -21.66
C VAL B 330 23.74 2.56 -21.01
N ILE B 331 23.82 2.41 -19.69
CA ILE B 331 24.91 2.95 -18.93
C ILE B 331 25.82 1.85 -18.39
N GLY B 332 25.25 0.77 -17.89
CA GLY B 332 26.05 -0.37 -17.50
C GLY B 332 25.74 -0.85 -16.09
N SER B 333 26.49 -0.37 -15.11
CA SER B 333 26.31 -0.86 -13.75
C SER B 333 25.09 -0.22 -13.10
N ASN B 334 24.61 -0.87 -12.02
CA ASN B 334 23.52 -0.29 -11.25
C ASN B 334 23.91 1.07 -10.70
N GLU B 335 25.10 1.15 -10.09
CA GLU B 335 25.46 2.38 -9.40
C GLU B 335 25.67 3.53 -10.40
N ALA B 336 26.29 3.25 -11.56
CA ALA B 336 26.48 4.33 -12.53
C ALA B 336 25.15 4.80 -13.12
N THR B 337 24.18 3.89 -13.28
CA THR B 337 22.88 4.27 -13.79
C THR B 337 22.12 5.12 -12.77
N LEU B 338 22.15 4.71 -11.49
CA LEU B 338 21.52 5.52 -10.44
C LEU B 338 22.18 6.88 -10.33
N ALA B 339 23.50 6.93 -10.48
CA ALA B 339 24.18 8.23 -10.41
C ALA B 339 23.69 9.15 -11.52
N ALA B 340 23.54 8.62 -12.72
CA ALA B 340 23.09 9.48 -13.81
C ALA B 340 21.66 9.94 -13.57
N MET B 341 20.80 9.04 -13.06
CA MET B 341 19.43 9.43 -12.76
C MET B 341 19.40 10.57 -11.77
N ARG B 342 20.22 10.47 -10.71
CA ARG B 342 20.26 11.50 -9.68
C ARG B 342 20.78 12.82 -10.23
N ALA B 343 21.76 12.77 -11.15
CA ALA B 343 22.24 14.00 -11.75
C ALA B 343 21.11 14.69 -12.51
N LEU B 344 20.28 13.91 -13.22
CA LEU B 344 19.13 14.49 -13.92
C LEU B 344 18.07 15.00 -12.93
N ASP B 345 17.85 14.26 -11.84
CA ASP B 345 16.93 14.74 -10.80
C ASP B 345 17.37 16.12 -10.31
N ALA B 346 18.67 16.33 -10.20
CA ALA B 346 19.16 17.61 -9.71
C ALA B 346 18.91 18.75 -10.69
N HIS B 347 18.62 18.44 -11.95
CA HIS B 347 18.21 19.42 -12.96
C HIS B 347 16.70 19.48 -13.14
N GLY B 348 15.91 18.88 -12.24
CA GLY B 348 14.46 18.95 -12.43
C GLY B 348 13.88 18.03 -13.48
N LEU B 349 14.58 16.94 -13.81
CA LEU B 349 14.16 16.01 -14.84
C LEU B 349 14.06 14.63 -14.23
N TRP B 350 13.02 13.88 -14.58
CA TRP B 350 12.87 12.51 -14.10
C TRP B 350 13.02 11.57 -15.28
N VAL B 351 14.17 10.88 -15.32
CA VAL B 351 14.39 9.81 -16.31
C VAL B 351 14.75 8.58 -15.49
N PRO B 352 13.94 7.53 -15.48
CA PRO B 352 14.15 6.46 -14.50
C PRO B 352 15.28 5.52 -14.87
N ALA B 353 16.00 5.08 -13.84
CA ALA B 353 16.90 3.96 -13.96
C ALA B 353 16.13 2.64 -14.06
N ILE B 354 16.57 1.78 -14.97
CA ILE B 354 16.08 0.41 -15.13
C ILE B 354 17.24 -0.51 -14.86
N ARG B 355 17.02 -1.53 -14.03
CA ARG B 355 18.04 -2.45 -13.53
C ARG B 355 17.52 -3.88 -13.55
N PRO B 356 18.39 -4.88 -13.38
CA PRO B 356 17.90 -6.26 -13.11
C PRO B 356 16.87 -6.24 -11.99
N PRO B 357 15.87 -7.15 -12.02
CA PRO B 357 15.75 -8.25 -13.00
C PRO B 357 15.08 -7.84 -14.31
N THR B 358 14.69 -6.56 -14.45
CA THR B 358 13.97 -6.12 -15.63
C THR B 358 14.83 -6.26 -16.89
N VAL B 359 16.11 -5.96 -16.77
CA VAL B 359 17.03 -6.01 -17.91
C VAL B 359 18.23 -6.85 -17.50
N PRO B 360 19.00 -7.33 -18.46
CA PRO B 360 20.14 -8.19 -18.11
C PRO B 360 21.19 -7.45 -17.29
N ALA B 361 21.85 -8.20 -16.40
CA ALA B 361 22.94 -7.63 -15.59
C ALA B 361 23.99 -6.97 -16.46
N GLY B 362 24.48 -5.81 -16.05
CA GLY B 362 25.45 -5.09 -16.86
C GLY B 362 24.85 -4.24 -17.96
N THR B 363 23.51 -4.21 -18.09
CA THR B 363 22.86 -3.39 -19.11
C THR B 363 21.87 -2.43 -18.47
N SER B 364 22.13 -2.05 -17.21
CA SER B 364 21.29 -1.06 -16.55
C SER B 364 21.30 0.23 -17.36
N ARG B 365 20.18 0.93 -17.35
CA ARG B 365 19.96 1.95 -18.39
C ARG B 365 19.01 3.01 -17.89
N LEU B 366 19.11 4.22 -18.47
CA LEU B 366 18.04 5.21 -18.30
C LEU B 366 17.01 4.97 -19.37
N ARG B 367 15.72 5.01 -18.99
CA ARG B 367 14.67 4.82 -20.00
C ARG B 367 13.99 6.15 -20.27
N ILE B 368 14.44 6.85 -21.30
CA ILE B 368 13.77 8.08 -21.71
C ILE B 368 12.50 7.66 -22.44
N SER B 369 11.35 8.04 -21.90
CA SER B 369 10.09 7.70 -22.55
C SER B 369 9.47 9.00 -23.05
N LEU B 370 9.34 9.12 -24.37
CA LEU B 370 8.82 10.33 -24.97
C LEU B 370 7.30 10.34 -25.05
N SER B 371 6.74 11.55 -25.00
CA SER B 371 5.32 11.79 -25.06
C SER B 371 5.06 12.90 -26.07
N ALA B 372 3.94 12.81 -26.78
CA ALA B 372 3.57 13.93 -27.67
C ALA B 372 3.37 15.22 -26.90
N ALA B 373 3.22 15.14 -25.57
CA ALA B 373 3.13 16.36 -24.76
C ALA B 373 4.46 17.06 -24.58
N HIS B 374 5.57 16.36 -24.79
CA HIS B 374 6.86 17.01 -24.64
C HIS B 374 7.08 18.05 -25.74
N SER B 375 7.82 19.09 -25.37
CA SER B 375 8.24 20.14 -26.29
C SER B 375 9.69 19.96 -26.72
N PHE B 376 10.08 20.69 -27.76
CA PHE B 376 11.50 20.68 -28.11
C PHE B 376 12.32 21.33 -27.00
N ASP B 377 11.77 22.31 -26.27
CA ASP B 377 12.49 22.87 -25.14
CA ASP B 377 12.54 22.84 -25.15
C ASP B 377 12.73 21.80 -24.06
N ASP B 378 11.74 20.92 -23.83
CA ASP B 378 11.94 19.82 -22.88
C ASP B 378 13.13 18.96 -23.30
N LEU B 379 13.25 18.68 -24.61
CA LEU B 379 14.40 17.90 -25.03
C LEU B 379 15.70 18.68 -24.85
N ALA B 380 15.69 20.00 -25.02
CA ALA B 380 16.91 20.77 -24.80
C ALA B 380 17.34 20.69 -23.34
N ARG B 381 16.37 20.74 -22.41
CA ARG B 381 16.70 20.58 -21.00
C ARG B 381 17.26 19.21 -20.73
N LEU B 382 16.65 18.17 -21.34
CA LEU B 382 17.13 16.81 -21.18
C LEU B 382 18.57 16.69 -21.68
N GLU B 383 18.86 17.22 -22.85
CA GLU B 383 20.22 17.17 -23.40
C GLU B 383 21.23 17.84 -22.49
N THR B 384 20.92 19.04 -21.99
CA THR B 384 21.87 19.75 -21.14
C THR B 384 22.21 18.91 -19.92
N ALA B 385 21.20 18.36 -19.26
CA ALA B 385 21.42 17.56 -18.06
C ALA B 385 22.21 16.31 -18.35
N LEU B 386 21.88 15.60 -19.45
CA LEU B 386 22.59 14.37 -19.78
C LEU B 386 24.05 14.65 -20.11
N LEU B 387 24.33 15.75 -20.80
CA LEU B 387 25.73 16.06 -21.10
C LEU B 387 26.52 16.35 -19.83
N ARG B 388 25.93 17.02 -18.85
CA ARG B 388 26.61 17.21 -17.56
C ARG B 388 26.77 15.89 -16.82
N ALA B 389 25.73 15.05 -16.82
CA ALA B 389 25.83 13.73 -16.19
C ALA B 389 26.96 12.94 -16.81
N SER B 390 27.08 13.05 -18.14
CA SER B 390 28.12 12.32 -18.86
C SER B 390 29.51 12.81 -18.45
N GLU B 391 29.68 14.12 -18.28
CA GLU B 391 30.97 14.63 -17.83
C GLU B 391 31.33 14.17 -16.44
N GLU B 392 30.37 14.18 -15.53
CA GLU B 392 30.61 13.82 -14.12
C GLU B 392 31.10 12.39 -13.98
N ALA B 393 30.62 11.50 -14.83
CA ALA B 393 30.96 10.09 -14.71
C ALA B 393 32.43 9.89 -15.08
N ASN C 2 31.18 48.05 26.02
CA ASN C 2 32.12 46.98 26.34
C ASN C 2 31.41 45.68 26.71
N LEU C 3 30.30 45.79 27.43
CA LEU C 3 29.55 44.59 27.77
C LEU C 3 29.00 43.93 26.52
N LEU C 4 28.46 44.72 25.61
CA LEU C 4 27.89 44.17 24.39
C LEU C 4 29.00 43.63 23.49
N ASP C 5 30.17 44.27 23.50
CA ASP C 5 31.27 43.76 22.67
C ASP C 5 31.72 42.38 23.13
N THR C 6 31.75 42.14 24.45
CA THR C 6 32.09 40.82 24.95
C THR C 6 31.12 39.76 24.45
N LEU C 7 29.82 40.06 24.48
CA LEU C 7 28.84 39.12 23.93
C LEU C 7 29.04 38.95 22.43
N GLN C 8 29.31 40.04 21.72
CA GLN C 8 29.49 39.93 20.27
C GLN C 8 30.66 39.00 19.94
N ARG C 9 31.76 39.07 20.70
CA ARG C 9 32.90 38.19 20.45
C ARG C 9 32.53 36.73 20.74
N GLY C 10 31.76 36.50 21.80
CA GLY C 10 31.31 35.15 22.08
C GLY C 10 30.46 34.58 20.96
N LEU C 11 29.60 35.41 20.37
CA LEU C 11 28.77 34.95 19.26
C LEU C 11 29.63 34.59 18.05
N ALA C 12 30.63 35.41 17.76
CA ALA C 12 31.55 35.11 16.66
C ALA C 12 32.30 33.81 16.89
N ASP C 13 32.73 33.58 18.13
CA ASP C 13 33.42 32.33 18.46
C ASP C 13 32.49 31.13 18.27
N LEU C 14 31.24 31.22 18.72
CA LEU C 14 30.29 30.14 18.44
C LEU C 14 30.17 29.90 16.95
N ASP C 15 30.07 30.98 16.16
CA ASP C 15 29.96 30.86 14.72
C ASP C 15 31.19 30.17 14.14
N ALA C 16 32.37 30.52 14.61
CA ALA C 16 33.59 29.91 14.07
C ALA C 16 33.69 28.43 14.41
N GLN C 17 33.09 28.01 15.52
CA GLN C 17 33.10 26.60 15.94
C GLN C 17 32.02 25.77 15.27
N GLY C 18 31.16 26.39 14.47
CA GLY C 18 30.05 25.67 13.88
C GLY C 18 28.89 25.44 14.82
N LEU C 19 28.72 26.33 15.81
CA LEU C 19 27.75 26.15 16.91
C LEU C 19 26.64 27.20 16.90
N ARG C 20 26.54 28.01 15.86
CA ARG C 20 25.48 29.02 15.86
C ARG C 20 24.12 28.36 15.73
N ARG C 21 23.21 28.72 16.62
CA ARG C 21 21.84 28.23 16.60
C ARG C 21 20.92 29.28 15.98
N VAL C 22 19.99 28.82 15.15
CA VAL C 22 19.12 29.70 14.37
C VAL C 22 17.71 29.16 14.44
N ARG C 23 16.77 29.98 14.92
CA ARG C 23 15.36 29.60 14.90
C ARG C 23 14.78 29.70 13.50
N ARG C 24 13.84 28.82 13.21
CA ARG C 24 12.99 28.92 12.03
C ARG C 24 11.57 29.17 12.49
N THR C 25 10.77 29.88 11.68
CA THR C 25 9.43 30.26 12.10
C THR C 25 8.39 29.48 11.31
N ALA C 26 7.50 28.78 12.03
CA ALA C 26 6.45 27.97 11.43
C ALA C 26 5.23 28.85 11.13
N ASP C 27 4.86 28.90 9.87
N ASP C 27 4.86 28.94 9.85
CA ASP C 27 3.70 29.69 9.49
CA ASP C 27 3.67 29.67 9.41
C ASP C 27 2.40 28.88 9.50
C ASP C 27 2.47 28.75 9.15
N SER C 28 2.47 27.56 9.72
CA SER C 28 1.30 26.73 9.83
C SER C 28 1.51 25.80 11.03
N ALA C 29 0.45 25.09 11.41
CA ALA C 29 0.51 24.23 12.59
C ALA C 29 1.55 23.13 12.47
N CYS C 30 2.05 22.70 13.64
CA CYS C 30 2.98 21.57 13.69
C CYS C 30 2.33 20.35 13.08
N ASP C 31 2.98 19.77 12.07
CA ASP C 31 2.40 18.69 11.29
C ASP C 31 3.51 18.13 10.40
N ALA C 32 3.23 17.01 9.75
CA ALA C 32 4.26 16.44 8.89
C ALA C 32 4.63 17.41 7.77
N HIS C 33 3.64 18.04 7.17
CA HIS C 33 3.84 19.04 6.14
C HIS C 33 3.52 20.39 6.73
N MET C 34 4.45 21.34 6.59
CA MET C 34 4.35 22.63 7.27
C MET C 34 4.89 23.72 6.38
N THR C 35 4.47 24.95 6.67
CA THR C 35 5.07 26.14 6.07
C THR C 35 6.10 26.65 7.05
N VAL C 36 7.36 26.68 6.64
CA VAL C 36 8.42 27.09 7.56
C VAL C 36 9.29 28.10 6.83
N ASN C 37 9.48 29.27 7.46
CA ASN C 37 10.16 30.39 6.79
C ASN C 37 9.53 30.61 5.42
N GLY C 38 8.22 30.51 5.33
CA GLY C 38 7.56 30.83 4.07
C GLY C 38 7.65 29.77 2.98
N ARG C 39 8.21 28.58 3.25
CA ARG C 39 8.29 27.53 2.22
C ARG C 39 7.59 26.26 2.71
N GLU C 40 7.08 25.45 1.77
CA GLU C 40 6.46 24.18 2.12
C GLU C 40 7.51 23.10 2.32
N ILE C 41 7.53 22.48 3.50
CA ILE C 41 8.55 21.49 3.82
C ILE C 41 7.87 20.25 4.40
N VAL C 42 8.61 19.16 4.39
CA VAL C 42 8.30 18.00 5.20
C VAL C 42 9.22 18.07 6.42
N GLY C 43 8.64 18.18 7.61
CA GLY C 43 9.41 18.41 8.82
C GLY C 43 9.62 17.13 9.63
N PHE C 44 10.88 16.88 10.01
CA PHE C 44 11.26 15.81 10.93
C PHE C 44 11.93 16.37 12.18
N ALA C 45 11.56 17.60 12.56
CA ALA C 45 12.25 18.28 13.66
C ALA C 45 11.53 18.14 14.99
N SER C 46 10.20 18.01 14.98
CA SER C 46 9.39 18.12 16.19
C SER C 46 9.38 16.83 17.00
N ASN C 47 8.85 16.90 18.23
CA ASN C 47 8.62 15.73 19.06
C ASN C 47 7.16 15.33 19.08
N ASP C 48 6.43 15.66 18.01
CA ASP C 48 4.99 15.45 17.93
C ASP C 48 4.70 14.02 17.47
N TYR C 49 5.11 13.05 18.30
CA TYR C 49 5.25 11.66 17.85
C TYR C 49 3.94 11.05 17.40
N LEU C 50 2.80 11.49 17.97
CA LEU C 50 1.52 10.92 17.56
C LEU C 50 0.76 11.80 16.57
N GLY C 51 1.34 12.91 16.11
CA GLY C 51 0.63 13.79 15.21
C GLY C 51 -0.55 14.51 15.84
N LEU C 52 -0.48 14.76 17.15
CA LEU C 52 -1.63 15.34 17.83
C LEU C 52 -1.54 16.86 17.96
N ALA C 53 -0.38 17.49 17.71
CA ALA C 53 -0.29 18.94 17.95
C ALA C 53 -1.30 19.74 17.13
N ALA C 54 -1.76 19.21 15.99
CA ALA C 54 -2.73 19.90 15.15
C ALA C 54 -4.12 19.26 15.21
N HIS C 55 -4.38 18.41 16.20
CA HIS C 55 -5.56 17.57 16.18
C HIS C 55 -6.81 18.40 16.45
N PRO C 56 -7.88 18.24 15.66
CA PRO C 56 -9.06 19.08 15.86
C PRO C 56 -9.70 18.95 17.25
N LYS C 57 -9.63 17.80 17.89
CA LYS C 57 -10.23 17.69 19.22
C LYS C 57 -9.48 18.52 20.25
N LEU C 58 -8.16 18.61 20.10
CA LEU C 58 -7.36 19.43 21.01
C LEU C 58 -7.59 20.91 20.74
N VAL C 59 -7.69 21.29 19.47
CA VAL C 59 -8.01 22.66 19.11
C VAL C 59 -9.36 23.06 19.68
N ALA C 60 -10.35 22.18 19.53
CA ALA C 60 -11.67 22.49 20.08
C ALA C 60 -11.63 22.60 21.59
N ALA C 61 -10.79 21.79 22.26
CA ALA C 61 -10.74 21.84 23.71
C ALA C 61 -10.14 23.16 24.20
N PHE C 62 -9.22 23.76 23.45
CA PHE C 62 -8.74 25.07 23.86
C PHE C 62 -9.89 26.06 23.94
N ALA C 63 -10.76 26.07 22.92
CA ALA C 63 -11.88 27.00 22.92
C ALA C 63 -12.81 26.70 24.10
N GLU C 64 -13.16 25.42 24.25
CA GLU C 64 -14.11 25.05 25.29
C GLU C 64 -13.53 25.30 26.67
N GLY C 65 -12.25 25.01 26.83
CA GLY C 65 -11.61 25.16 28.12
C GLY C 65 -11.53 26.61 28.55
N ALA C 66 -11.19 27.51 27.63
CA ALA C 66 -11.14 28.93 28.00
C ALA C 66 -12.55 29.46 28.31
N GLN C 67 -13.57 29.02 27.57
CA GLN C 67 -14.94 29.44 27.85
CA GLN C 67 -14.92 29.49 27.88
C GLN C 67 -15.37 29.01 29.25
N ARG C 68 -14.96 27.82 29.67
CA ARG C 68 -15.41 27.27 30.94
C ARG C 68 -14.61 27.83 32.11
N TYR C 69 -13.30 28.00 31.92
CA TYR C 69 -12.42 28.21 33.04
C TYR C 69 -11.73 29.57 33.04
N GLY C 70 -11.87 30.36 31.97
CA GLY C 70 -11.19 31.63 31.82
C GLY C 70 -9.87 31.47 31.09
N SER C 71 -9.15 32.58 31.00
CA SER C 71 -7.88 32.64 30.29
C SER C 71 -6.71 32.29 31.20
N GLY C 72 -6.57 33.00 32.30
CA GLY C 72 -5.43 32.85 33.19
C GLY C 72 -5.82 32.20 34.52
N SER C 73 -4.85 31.50 35.12
CA SER C 73 -5.04 30.94 36.45
CA SER C 73 -5.10 30.95 36.44
C SER C 73 -4.98 32.01 37.52
N GLY C 74 -4.21 33.08 37.27
CA GLY C 74 -4.07 34.17 38.20
C GLY C 74 -3.07 33.96 39.30
N GLY C 75 -2.47 32.77 39.45
CA GLY C 75 -1.47 32.65 40.48
C GLY C 75 -0.99 31.23 40.65
N SER C 76 -0.18 31.05 41.69
CA SER C 76 0.37 29.74 42.07
C SER C 76 -0.73 28.74 42.37
N HIS C 77 -0.45 27.46 42.14
CA HIS C 77 -1.36 26.43 42.61
C HIS C 77 -1.57 26.49 44.11
N LEU C 78 -0.65 27.12 44.86
CA LEU C 78 -0.81 27.21 46.31
CA LEU C 78 -0.82 27.21 46.32
C LEU C 78 -1.40 28.53 46.74
N LEU C 79 -1.72 29.41 45.81
N LEU C 79 -1.77 29.38 45.79
CA LEU C 79 -2.54 30.58 46.12
CA LEU C 79 -2.28 30.71 46.09
C LEU C 79 -3.84 30.43 45.32
C LEU C 79 -3.35 31.14 45.09
N GLY C 80 -4.30 31.45 44.62
N GLY C 80 -4.34 30.28 44.89
CA GLY C 80 -5.56 31.33 43.93
CA GLY C 80 -5.56 30.69 44.22
C GLY C 80 -5.53 30.73 42.54
C GLY C 80 -5.64 30.35 42.76
N GLY C 81 -4.54 29.91 42.16
CA GLY C 81 -4.46 29.53 40.76
C GLY C 81 -4.83 28.09 40.44
N HIS C 82 -5.20 27.28 41.44
CA HIS C 82 -5.47 25.87 41.18
C HIS C 82 -6.91 25.72 40.72
N SER C 83 -7.10 25.37 39.46
CA SER C 83 -8.42 25.33 38.84
C SER C 83 -8.96 23.90 38.93
N ARG C 84 -10.28 23.79 38.90
CA ARG C 84 -10.90 22.48 38.67
C ARG C 84 -10.29 21.79 37.44
N ALA C 85 -9.92 22.56 36.42
CA ALA C 85 -9.30 21.94 35.24
C ALA C 85 -8.02 21.18 35.62
N HIS C 86 -7.22 21.78 36.50
CA HIS C 86 -5.99 21.13 36.96
C HIS C 86 -6.31 19.91 37.82
N ALA C 87 -7.30 20.06 38.73
CA ALA C 87 -7.65 18.95 39.61
C ALA C 87 -8.16 17.76 38.81
N LYS C 88 -9.01 18.01 37.80
CA LYS C 88 -9.50 16.92 36.96
C LYS C 88 -8.36 16.25 36.20
N LEU C 89 -7.45 17.05 35.63
CA LEU C 89 -6.33 16.47 34.88
C LEU C 89 -5.43 15.63 35.79
N GLU C 90 -5.18 16.09 37.01
CA GLU C 90 -4.38 15.30 37.95
C GLU C 90 -5.03 13.97 38.25
N ASP C 91 -6.35 13.96 38.46
N ASP C 91 -6.36 13.95 38.41
CA ASP C 91 -7.07 12.71 38.63
CA ASP C 91 -7.03 12.69 38.64
C ASP C 91 -6.87 11.81 37.41
C ASP C 91 -6.95 11.79 37.41
N GLU C 92 -7.04 12.39 36.21
CA GLU C 92 -6.95 11.59 35.00
C GLU C 92 -5.56 11.02 34.80
N LEU C 93 -4.53 11.82 35.11
CA LEU C 93 -3.15 11.36 34.93
C LEU C 93 -2.82 10.24 35.91
N ALA C 94 -3.28 10.37 37.17
CA ALA C 94 -3.06 9.30 38.14
C ALA C 94 -3.74 8.02 37.69
N GLY C 95 -4.94 8.13 37.13
CA GLY C 95 -5.65 6.95 36.66
C GLY C 95 -5.01 6.34 35.43
N PHE C 96 -4.37 7.15 34.59
CA PHE C 96 -3.83 6.66 33.31
C PHE C 96 -2.43 6.09 33.47
N ALA C 97 -1.55 6.82 34.16
CA ALA C 97 -0.12 6.51 34.25
C ALA C 97 0.29 5.99 35.61
N GLY C 98 -0.66 5.81 36.52
CA GLY C 98 -0.36 5.40 37.87
C GLY C 98 -0.40 3.94 38.15
N GLY C 99 -0.41 3.08 37.12
CA GLY C 99 -0.52 1.65 37.39
C GLY C 99 0.59 1.05 38.22
N PHE C 100 1.77 1.68 38.23
CA PHE C 100 2.89 1.17 39.01
C PHE C 100 2.70 1.37 40.52
N SER C 101 1.72 2.15 40.93
CA SER C 101 1.56 2.57 42.32
C SER C 101 0.30 1.98 42.94
N ASP C 102 0.37 1.63 44.22
CA ASP C 102 -0.82 1.25 44.97
C ASP C 102 -1.63 2.43 45.49
N ALA C 103 -1.11 3.65 45.39
CA ALA C 103 -1.88 4.79 45.84
C ALA C 103 -1.49 5.97 44.97
N PRO C 104 -1.76 5.90 43.67
CA PRO C 104 -1.22 6.91 42.76
C PRO C 104 -1.85 8.27 42.94
N ARG C 105 -1.01 9.30 42.84
CA ARG C 105 -1.47 10.68 42.73
CA ARG C 105 -1.45 10.68 42.76
C ARG C 105 -0.59 11.37 41.72
N ALA C 106 -1.10 12.45 41.13
CA ALA C 106 -0.36 13.15 40.10
C ALA C 106 -0.32 14.63 40.42
N LEU C 107 0.74 15.28 39.93
CA LEU C 107 0.95 16.69 40.21
C LEU C 107 1.30 17.34 38.88
N TYR C 108 0.48 18.32 38.47
CA TYR C 108 0.64 18.96 37.17
C TYR C 108 1.51 20.21 37.25
N PHE C 109 2.50 20.30 36.36
CA PHE C 109 3.47 21.40 36.23
C PHE C 109 3.34 22.09 34.88
N SER C 110 3.78 23.34 34.81
CA SER C 110 3.61 24.07 33.55
C SER C 110 4.60 23.59 32.48
N THR C 111 5.69 22.96 32.87
N THR C 111 5.76 23.06 32.90
CA THR C 111 6.58 22.40 31.86
CA THR C 111 6.81 22.53 32.01
C THR C 111 7.49 21.36 32.52
C THR C 111 7.43 21.26 32.60
N GLY C 112 7.94 20.40 31.70
CA GLY C 112 8.73 19.28 32.19
C GLY C 112 10.00 19.73 32.86
N TYR C 113 10.60 20.80 32.33
CA TYR C 113 11.80 21.36 32.94
C TYR C 113 11.55 21.59 34.41
N MET C 114 10.41 22.18 34.74
CA MET C 114 10.07 22.52 36.12
CA MET C 114 10.20 22.48 36.14
C MET C 114 9.73 21.28 36.94
N ALA C 115 9.03 20.31 36.34
CA ALA C 115 8.69 19.08 37.05
C ALA C 115 9.96 18.33 37.46
N ASN C 116 10.95 18.29 36.58
CA ASN C 116 12.22 17.63 36.92
C ASN C 116 12.94 18.34 38.06
N LEU C 117 13.01 19.68 38.01
CA LEU C 117 13.64 20.40 39.12
C LEU C 117 12.96 20.03 40.43
N ALA C 118 11.62 19.93 40.41
CA ALA C 118 10.86 19.67 41.64
C ALA C 118 11.13 18.28 42.18
N ALA C 119 11.07 17.27 41.31
CA ALA C 119 11.27 15.90 41.78
C ALA C 119 12.66 15.70 42.35
N VAL C 120 13.67 16.25 41.70
CA VAL C 120 15.04 16.04 42.15
C VAL C 120 15.32 16.85 43.41
N THR C 121 14.97 18.15 43.41
CA THR C 121 15.35 18.96 44.56
C THR C 121 14.55 18.60 45.80
N ALA C 122 13.28 18.21 45.65
CA ALA C 122 12.45 17.94 46.84
C ALA C 122 12.82 16.61 47.50
N LEU C 123 13.29 15.65 46.73
CA LEU C 123 13.59 14.35 47.29
C LEU C 123 15.04 14.18 47.68
N ALA C 124 15.93 15.06 47.22
CA ALA C 124 17.37 14.92 47.50
C ALA C 124 17.89 16.19 48.14
N GLY C 125 18.16 16.14 49.44
CA GLY C 125 18.70 17.25 50.18
C GLY C 125 20.19 17.12 50.42
N LYS C 126 20.70 17.97 51.31
N LYS C 126 20.68 17.99 51.30
CA LYS C 126 22.16 18.09 51.48
CA LYS C 126 21.98 17.76 51.93
C LYS C 126 22.80 16.78 51.97
C LYS C 126 21.95 16.40 52.61
N ASP C 127 22.01 15.89 52.58
N ASP C 127 23.09 15.69 52.55
CA ASP C 127 22.38 14.61 53.18
CA ASP C 127 23.22 14.32 53.02
C ASP C 127 22.40 13.45 52.19
C ASP C 127 22.44 13.33 52.16
N ALA C 128 22.08 13.70 50.94
CA ALA C 128 21.67 12.71 49.97
C ALA C 128 22.75 12.57 48.90
N THR C 129 22.70 11.45 48.17
CA THR C 129 23.49 11.29 46.96
C THR C 129 22.55 10.97 45.82
N ILE C 130 22.74 11.67 44.71
CA ILE C 130 22.01 11.42 43.48
C ILE C 130 22.91 10.63 42.56
N PHE C 131 22.38 9.58 41.96
CA PHE C 131 23.08 8.80 40.95
C PHE C 131 22.40 9.05 39.61
N SER C 132 23.13 9.60 38.64
CA SER C 132 22.54 10.15 37.41
CA SER C 132 22.50 10.08 37.41
C SER C 132 23.16 9.50 36.18
N ASP C 133 22.32 9.04 35.24
CA ASP C 133 22.85 8.50 33.99
C ASP C 133 23.62 9.57 33.24
N ALA C 134 24.82 9.20 32.75
CA ALA C 134 25.68 10.15 32.05
C ALA C 134 24.99 10.90 30.91
N LEU C 135 24.00 10.28 30.25
CA LEU C 135 23.37 10.92 29.09
C LEU C 135 22.00 11.54 29.41
N ASN C 136 21.69 11.80 30.68
CA ASN C 136 20.42 12.45 31.03
C ASN C 136 20.24 13.83 30.36
N HIS C 137 18.95 14.20 30.19
CA HIS C 137 18.51 15.51 29.67
C HIS C 137 19.04 16.66 30.53
N ALA C 138 19.20 17.83 29.88
CA ALA C 138 19.71 19.02 30.58
C ALA C 138 18.86 19.40 31.80
N SER C 139 17.55 19.28 31.73
CA SER C 139 16.76 19.70 32.89
C SER C 139 16.99 18.80 34.09
N LEU C 140 17.18 17.49 33.88
CA LEU C 140 17.55 16.62 35.00
C LEU C 140 18.88 17.03 35.59
N ILE C 141 19.86 17.33 34.73
N ILE C 141 19.85 17.36 34.75
CA ILE C 141 21.17 17.81 35.18
CA ILE C 141 21.15 17.78 35.24
C ILE C 141 21.01 19.07 36.01
C ILE C 141 21.04 19.09 36.00
N ASP C 142 20.24 20.04 35.51
CA ASP C 142 20.01 21.28 36.25
C ASP C 142 19.36 20.98 37.59
N GLY C 143 18.42 20.04 37.63
CA GLY C 143 17.84 19.65 38.90
C GLY C 143 18.87 19.12 39.87
N THR C 144 19.79 18.25 39.38
CA THR C 144 20.80 17.73 40.29
C THR C 144 21.73 18.84 40.80
N ARG C 145 21.98 19.86 39.97
N ARG C 145 21.95 19.89 40.00
CA ARG C 145 22.81 20.98 40.43
CA ARG C 145 22.83 20.97 40.45
C ARG C 145 22.08 21.79 41.48
C ARG C 145 22.12 21.92 41.39
N LEU C 146 20.82 22.13 41.24
CA LEU C 146 20.09 22.94 42.20
C LEU C 146 19.92 22.21 43.52
N SER C 147 19.86 20.88 43.47
N SER C 147 19.83 20.88 43.49
CA SER C 147 19.81 20.08 44.68
CA SER C 147 19.71 20.14 44.73
C SER C 147 21.05 20.35 45.54
C SER C 147 21.01 20.24 45.53
N ARG C 148 20.89 20.22 46.85
CA ARG C 148 22.08 20.30 47.67
C ARG C 148 22.87 18.98 47.70
N ALA C 149 22.37 17.92 47.05
CA ALA C 149 22.93 16.58 47.17
C ALA C 149 24.29 16.45 46.48
N THR C 150 25.06 15.45 46.92
CA THR C 150 26.22 15.01 46.17
C THR C 150 25.73 14.27 44.93
N VAL C 151 26.39 14.47 43.80
CA VAL C 151 25.97 13.86 42.54
C VAL C 151 27.06 12.92 42.06
N GLN C 152 26.69 11.67 41.82
CA GLN C 152 27.57 10.65 41.24
C GLN C 152 27.01 10.28 39.88
N VAL C 153 27.80 10.42 38.84
CA VAL C 153 27.34 10.09 37.49
C VAL C 153 27.72 8.66 37.18
N TYR C 154 26.73 7.86 36.73
CA TYR C 154 27.10 6.50 36.33
C TYR C 154 27.12 6.38 34.80
N PRO C 155 27.99 5.53 34.26
CA PRO C 155 28.08 5.42 32.79
C PRO C 155 26.74 4.99 32.21
N HIS C 156 26.48 5.45 31.00
CA HIS C 156 25.17 5.27 30.39
C HIS C 156 24.71 3.81 30.47
N ALA C 157 23.52 3.63 31.07
CA ALA C 157 22.80 2.36 31.18
C ALA C 157 23.60 1.27 31.92
N ASP C 158 24.64 1.64 32.68
CA ASP C 158 25.58 0.67 33.24
C ASP C 158 25.14 0.30 34.65
N THR C 159 24.25 -0.70 34.74
CA THR C 159 23.69 -1.05 36.04
C THR C 159 24.69 -1.80 36.90
N ALA C 160 25.64 -2.53 36.29
CA ALA C 160 26.68 -3.16 37.09
C ALA C 160 27.50 -2.11 37.84
N THR C 161 27.94 -1.06 37.17
CA THR C 161 28.68 -0.01 37.85
C THR C 161 27.81 0.72 38.86
N LEU C 162 26.58 1.07 38.47
CA LEU C 162 25.68 1.75 39.40
C LEU C 162 25.51 0.94 40.69
N GLY C 163 25.33 -0.36 40.57
CA GLY C 163 25.18 -1.18 41.76
C GLY C 163 26.38 -1.06 42.68
N ALA C 164 27.60 -1.05 42.10
CA ALA C 164 28.78 -0.93 42.94
C ALA C 164 28.81 0.43 43.63
N LEU C 165 28.39 1.50 42.92
CA LEU C 165 28.36 2.83 43.54
C LEU C 165 27.31 2.90 44.64
N LEU C 166 26.13 2.31 44.42
CA LEU C 166 25.12 2.31 45.49
C LEU C 166 25.59 1.57 46.71
N GLU C 167 26.23 0.42 46.53
CA GLU C 167 26.70 -0.36 47.66
C GLU C 167 27.73 0.40 48.48
N ALA C 168 28.58 1.17 47.81
CA ALA C 168 29.63 1.94 48.48
C ALA C 168 29.15 3.23 49.12
N CYS C 169 27.94 3.68 48.80
CA CYS C 169 27.47 4.98 49.23
C CYS C 169 26.95 4.88 50.66
N THR C 170 27.35 5.83 51.50
CA THR C 170 26.94 5.84 52.89
C THR C 170 25.83 6.83 53.19
N SER C 171 25.22 7.44 52.16
CA SER C 171 24.16 8.41 52.41
C SER C 171 22.89 7.74 52.89
N GLN C 172 22.18 8.40 53.82
CA GLN C 172 20.87 7.89 54.24
C GLN C 172 19.89 7.93 53.08
N THR C 173 19.90 9.00 52.28
CA THR C 173 18.99 9.15 51.16
C THR C 173 19.75 8.99 49.85
N LYS C 174 19.26 8.10 49.00
CA LYS C 174 19.84 7.88 47.67
C LYS C 174 18.75 8.02 46.63
N LEU C 175 19.09 8.61 45.48
N LEU C 175 19.09 8.70 45.52
CA LEU C 175 18.12 8.81 44.42
CA LEU C 175 18.22 8.85 44.36
C LEU C 175 18.80 8.49 43.10
C LEU C 175 18.95 8.29 43.15
N ILE C 176 18.22 7.56 42.32
CA ILE C 176 18.67 7.22 40.98
C ILE C 176 17.78 8.00 40.03
N VAL C 177 18.37 8.71 39.07
CA VAL C 177 17.58 9.51 38.15
CA VAL C 177 17.64 9.59 38.15
C VAL C 177 18.03 9.25 36.72
N THR C 178 17.05 8.96 35.85
CA THR C 178 17.38 8.59 34.47
C THR C 178 16.26 9.01 33.52
N ASP C 179 16.61 9.40 32.30
CA ASP C 179 15.66 9.36 31.20
C ASP C 179 15.16 7.92 31.04
N THR C 180 13.96 7.75 30.49
CA THR C 180 13.57 6.40 30.00
C THR C 180 14.07 6.27 28.56
N VAL C 181 13.42 6.97 27.65
CA VAL C 181 13.89 7.07 26.26
C VAL C 181 14.85 8.25 26.19
N PHE C 182 16.06 8.01 25.71
CA PHE C 182 17.06 9.08 25.65
C PHE C 182 16.84 9.94 24.40
N SER C 183 16.68 11.26 24.58
N SER C 183 16.72 11.27 24.61
CA SER C 183 16.06 12.12 23.58
CA SER C 183 16.10 12.17 23.63
C SER C 183 16.84 12.22 22.27
C SER C 183 16.84 12.21 22.29
N MET C 184 18.16 12.03 22.32
CA MET C 184 18.99 12.23 21.15
C MET C 184 19.56 10.92 20.60
N ASP C 185 19.18 9.81 21.16
CA ASP C 185 19.69 8.48 20.85
C ASP C 185 18.60 7.47 20.56
N GLY C 186 17.50 7.51 21.30
CA GLY C 186 16.35 6.67 21.03
C GLY C 186 16.35 5.35 21.77
N ASP C 187 17.42 5.03 22.51
CA ASP C 187 17.41 3.82 23.32
C ASP C 187 16.65 4.04 24.62
N ILE C 188 16.32 2.92 25.27
CA ILE C 188 15.49 2.92 26.47
C ILE C 188 16.31 2.40 27.64
N ALA C 189 16.24 3.11 28.76
CA ALA C 189 16.99 2.76 29.96
C ALA C 189 16.59 1.35 30.44
N PRO C 190 17.51 0.66 31.14
CA PRO C 190 17.21 -0.70 31.66
C PRO C 190 16.40 -0.62 32.96
N LEU C 191 15.10 -0.30 32.80
CA LEU C 191 14.31 0.11 33.94
C LEU C 191 14.10 -1.03 34.94
N ALA C 192 13.91 -2.26 34.49
CA ALA C 192 13.71 -3.35 35.45
C ALA C 192 14.93 -3.51 36.34
N GLU C 193 16.13 -3.46 35.72
CA GLU C 193 17.37 -3.61 36.49
CA GLU C 193 17.36 -3.63 36.51
C GLU C 193 17.57 -2.45 37.43
N LEU C 194 17.25 -1.23 36.96
CA LEU C 194 17.35 -0.04 37.80
C LEU C 194 16.40 -0.12 39.00
N LEU C 195 15.17 -0.62 38.79
CA LEU C 195 14.23 -0.73 39.90
C LEU C 195 14.70 -1.77 40.91
N ALA C 196 15.24 -2.89 40.42
CA ALA C 196 15.77 -3.90 41.33
C ALA C 196 16.90 -3.31 42.19
N LEU C 197 17.75 -2.45 41.59
CA LEU C 197 18.80 -1.79 42.36
C LEU C 197 18.22 -0.82 43.38
N ALA C 198 17.20 -0.07 42.96
CA ALA C 198 16.57 0.90 43.87
C ALA C 198 15.98 0.19 45.08
N GLU C 199 15.33 -0.96 44.85
CA GLU C 199 14.71 -1.67 45.97
C GLU C 199 15.77 -2.31 46.86
N ARG C 200 16.84 -2.83 46.25
CA ARG C 200 17.90 -3.45 47.03
C ARG C 200 18.60 -2.41 47.91
N HIS C 201 18.74 -1.19 47.41
CA HIS C 201 19.58 -0.19 48.06
C HIS C 201 18.78 0.92 48.71
N GLY C 202 17.46 0.77 48.83
CA GLY C 202 16.68 1.79 49.53
C GLY C 202 16.70 3.15 48.87
N ALA C 203 16.64 3.18 47.53
CA ALA C 203 16.73 4.43 46.77
C ALA C 203 15.42 4.77 46.09
N TRP C 204 15.18 6.07 45.92
CA TRP C 204 14.16 6.49 44.97
C TRP C 204 14.65 6.23 43.55
N LEU C 205 13.71 5.92 42.66
CA LEU C 205 14.01 5.81 41.23
C LEU C 205 13.14 6.80 40.48
N VAL C 206 13.74 7.90 40.03
CA VAL C 206 13.04 8.97 39.33
C VAL C 206 13.27 8.74 37.85
N VAL C 207 12.20 8.56 37.09
CA VAL C 207 12.33 8.26 35.66
C VAL C 207 11.64 9.35 34.87
N ASP C 208 12.33 9.88 33.85
CA ASP C 208 11.80 10.97 33.04
C ASP C 208 11.36 10.35 31.72
N ASP C 209 10.05 10.17 31.54
CA ASP C 209 9.48 9.49 30.38
C ASP C 209 8.94 10.50 29.36
N ALA C 210 9.59 11.66 29.23
CA ALA C 210 9.17 12.67 28.25
C ALA C 210 8.96 12.09 26.85
N HIS C 211 9.85 11.19 26.38
CA HIS C 211 9.77 10.64 25.02
C HIS C 211 9.13 9.26 24.96
N GLY C 212 8.65 8.74 26.09
CA GLY C 212 7.91 7.48 26.05
C GLY C 212 6.43 7.64 26.36
N PHE C 213 6.06 8.68 27.10
CA PHE C 213 4.65 8.86 27.44
C PHE C 213 3.80 9.02 26.17
N GLY C 214 2.72 8.24 26.08
CA GLY C 214 1.85 8.27 24.92
C GLY C 214 2.23 7.30 23.82
N VAL C 215 3.48 6.83 23.78
CA VAL C 215 3.93 6.00 22.68
CA VAL C 215 4.02 6.03 22.69
C VAL C 215 4.40 4.62 23.12
N LEU C 216 4.79 4.43 24.35
CA LEU C 216 5.17 3.12 24.87
C LEU C 216 4.07 2.58 25.75
N GLY C 217 4.01 1.26 25.85
CA GLY C 217 3.16 0.62 26.82
C GLY C 217 1.73 0.46 26.39
N PRO C 218 0.96 -0.32 27.16
CA PRO C 218 -0.45 -0.51 26.81
C PRO C 218 -1.17 0.83 26.77
N GLN C 219 -1.90 1.06 25.68
CA GLN C 219 -2.65 2.29 25.44
C GLN C 219 -1.78 3.56 25.56
N GLY C 220 -0.47 3.44 25.40
CA GLY C 220 0.37 4.65 25.51
C GLY C 220 0.65 5.09 26.93
N ARG C 221 0.46 4.21 27.92
CA ARG C 221 0.64 4.61 29.32
C ARG C 221 2.10 4.83 29.73
N GLY C 222 3.07 4.47 28.91
CA GLY C 222 4.44 4.89 29.15
C GLY C 222 5.39 3.75 29.42
N ALA C 223 6.63 4.13 29.75
CA ALA C 223 7.72 3.15 29.85
C ALA C 223 7.56 2.22 31.04
N LEU C 224 6.99 2.72 32.16
CA LEU C 224 6.79 1.84 33.31
C LEU C 224 5.69 0.82 33.04
N ALA C 225 4.61 1.26 32.39
CA ALA C 225 3.55 0.34 32.00
C ALA C 225 4.06 -0.68 31.00
N ALA C 226 4.91 -0.23 30.07
CA ALA C 226 5.46 -1.16 29.08
C ALA C 226 6.23 -2.29 29.75
N ALA C 227 7.03 -1.94 30.75
CA ALA C 227 7.86 -2.89 31.48
C ALA C 227 7.10 -3.61 32.58
N ALA C 228 5.85 -3.21 32.83
CA ALA C 228 4.98 -3.80 33.85
C ALA C 228 5.66 -3.79 35.21
N LEU C 229 6.22 -2.63 35.55
CA LEU C 229 6.94 -2.44 36.80
C LEU C 229 6.02 -1.79 37.83
N ARG C 230 6.14 -2.23 39.07
CA ARG C 230 5.35 -1.69 40.17
C ARG C 230 6.25 -1.54 41.37
N SER C 231 6.20 -0.36 42.05
CA SER C 231 6.99 -0.14 43.27
C SER C 231 6.64 1.18 43.90
N PRO C 232 6.62 1.26 45.24
CA PRO C 232 6.53 2.59 45.89
C PRO C 232 7.80 3.41 45.71
N HIS C 233 8.91 2.81 45.28
CA HIS C 233 10.14 3.56 45.04
C HIS C 233 10.07 4.42 43.78
N LEU C 234 9.12 4.16 42.88
CA LEU C 234 9.13 4.82 41.58
C LEU C 234 8.51 6.22 41.64
N VAL C 235 9.17 7.16 40.97
CA VAL C 235 8.68 8.54 40.82
C VAL C 235 8.69 8.81 39.33
N TYR C 236 7.51 8.97 38.74
CA TYR C 236 7.36 9.00 37.29
C TYR C 236 7.16 10.45 36.82
N VAL C 237 8.02 10.93 35.90
CA VAL C 237 7.85 12.27 35.32
C VAL C 237 7.45 12.07 33.87
N GLY C 238 6.30 12.64 33.48
CA GLY C 238 5.91 12.63 32.08
C GLY C 238 5.80 14.04 31.58
N THR C 239 5.82 14.27 30.28
CA THR C 239 5.54 15.61 29.80
CA THR C 239 5.61 15.60 29.71
C THR C 239 4.43 15.53 28.77
N LEU C 240 3.87 16.70 28.49
CA LEU C 240 2.63 16.75 27.73
C LEU C 240 2.80 17.56 26.45
N GLY C 241 4.02 17.99 26.14
CA GLY C 241 4.28 18.75 24.94
C GLY C 241 5.00 18.03 23.79
N ALA C 243 4.63 13.63 22.68
CA ALA C 243 3.50 12.94 22.05
C ALA C 243 2.10 13.49 22.35
N ALA C 244 1.89 14.08 23.54
CA ALA C 244 0.54 14.49 23.88
C ALA C 244 0.08 15.74 23.13
N GLY C 245 0.98 16.46 22.46
CA GLY C 245 0.54 17.50 21.54
C GLY C 245 0.03 18.79 22.17
N VAL C 246 0.34 19.03 23.45
CA VAL C 246 -0.06 20.30 24.08
C VAL C 246 1.19 20.87 24.76
N ALA C 247 1.15 21.02 26.09
CA ALA C 247 2.31 21.45 26.87
C ALA C 247 2.03 21.10 28.33
N GLY C 248 3.09 21.16 29.13
CA GLY C 248 2.97 20.88 30.55
C GLY C 248 3.68 19.59 30.89
N ALA C 249 3.57 19.20 32.17
CA ALA C 249 4.23 17.97 32.58
C ALA C 249 3.60 17.53 33.87
N PHE C 250 4.00 16.36 34.34
CA PHE C 250 3.36 15.86 35.55
C PHE C 250 4.28 14.87 36.23
N VAL C 251 4.13 14.76 37.55
CA VAL C 251 4.80 13.74 38.34
C VAL C 251 3.71 12.81 38.86
N VAL C 252 3.90 11.51 38.73
CA VAL C 252 3.02 10.51 39.34
C VAL C 252 3.86 9.73 40.33
N ALA C 253 3.33 9.54 41.53
CA ALA C 253 4.04 8.82 42.59
C ALA C 253 3.02 8.44 43.64
N HIS C 254 3.50 7.73 44.66
CA HIS C 254 2.69 7.49 45.84
C HIS C 254 2.17 8.82 46.39
N GLU C 255 0.94 8.78 46.92
CA GLU C 255 0.31 9.98 47.45
C GLU C 255 1.22 10.74 48.42
N THR C 256 2.02 10.03 49.22
CA THR C 256 2.91 10.68 50.18
C THR C 256 4.02 11.46 49.47
N VAL C 257 4.56 10.91 48.38
CA VAL C 257 5.59 11.62 47.62
C VAL C 257 5.01 12.90 47.06
N ILE C 258 3.82 12.82 46.46
CA ILE C 258 3.21 14.00 45.85
C ILE C 258 2.95 15.06 46.90
N GLU C 259 2.48 14.64 48.09
CA GLU C 259 2.25 15.60 49.16
C GLU C 259 3.54 16.33 49.55
N TRP C 260 4.67 15.60 49.61
CA TRP C 260 5.95 16.25 49.90
C TRP C 260 6.32 17.28 48.82
N LEU C 261 6.11 16.96 47.53
CA LEU C 261 6.42 17.93 46.48
C LEU C 261 5.55 19.17 46.63
N ILE C 262 4.27 18.98 46.96
CA ILE C 262 3.38 20.13 47.14
C ILE C 262 3.89 21.04 48.24
N GLN C 263 4.40 20.46 49.32
CA GLN C 263 4.86 21.21 50.48
C GLN C 263 6.19 21.91 50.25
N ARG C 264 7.05 21.36 49.40
CA ARG C 264 8.48 21.71 49.40
C ARG C 264 9.06 22.18 48.05
N ALA C 265 8.51 21.73 46.94
CA ALA C 265 9.18 21.93 45.65
C ALA C 265 9.04 23.40 45.20
N ARG C 266 10.18 24.10 45.08
CA ARG C 266 10.15 25.52 44.70
C ARG C 266 9.59 25.74 43.31
N SER C 267 9.88 24.85 42.37
CA SER C 267 9.34 25.02 41.02
C SER C 267 7.93 24.51 40.88
N TYR C 268 7.34 23.98 41.97
CA TYR C 268 5.90 23.80 42.00
C TYR C 268 5.22 25.01 42.62
N ILE C 269 5.77 25.50 43.75
CA ILE C 269 5.07 26.50 44.56
C ILE C 269 5.19 27.87 43.94
N PHE C 270 6.40 28.27 43.57
CA PHE C 270 6.68 29.70 43.34
C PHE C 270 6.61 30.04 41.85
N THR C 271 5.49 29.70 41.24
CA THR C 271 5.25 29.92 39.82
C THR C 271 3.75 29.88 39.54
N THR C 272 3.35 30.58 38.49
CA THR C 272 1.94 30.67 38.09
C THR C 272 1.43 29.34 37.53
N ALA C 273 0.26 28.91 37.97
CA ALA C 273 -0.36 27.74 37.36
C ALA C 273 -0.63 28.00 35.88
N ALA C 274 -0.44 26.96 35.07
CA ALA C 274 -0.64 27.11 33.63
C ALA C 274 -2.10 27.44 33.32
N PRO C 275 -2.37 28.08 32.19
CA PRO C 275 -3.77 28.46 31.85
C PRO C 275 -4.67 27.25 31.88
N PRO C 276 -5.85 27.34 32.49
CA PRO C 276 -6.69 26.12 32.62
C PRO C 276 -7.15 25.57 31.29
N ALA C 277 -7.22 26.41 30.23
CA ALA C 277 -7.54 25.86 28.90
C ALA C 277 -6.49 24.86 28.42
N VAL C 278 -5.22 25.07 28.78
CA VAL C 278 -4.18 24.11 28.44
C VAL C 278 -4.45 22.77 29.11
N ALA C 279 -4.78 22.79 30.41
CA ALA C 279 -5.12 21.54 31.09
C ALA C 279 -6.32 20.88 30.42
N HIS C 280 -7.32 21.67 30.04
CA HIS C 280 -8.51 21.08 29.39
C HIS C 280 -8.13 20.39 28.08
N ALA C 281 -7.23 21.01 27.33
CA ALA C 281 -6.78 20.42 26.07
C ALA C 281 -5.99 19.13 26.32
N VAL C 282 -5.18 19.09 27.40
CA VAL C 282 -4.50 17.83 27.75
C VAL C 282 -5.52 16.76 28.09
N SER C 283 -6.59 17.11 28.83
CA SER C 283 -7.62 16.13 29.13
C SER C 283 -8.20 15.54 27.84
N ALA C 284 -8.38 16.39 26.83
CA ALA C 284 -8.88 15.90 25.54
C ALA C 284 -7.84 14.99 24.88
N SER C 285 -6.57 15.38 24.96
CA SER C 285 -5.51 14.58 24.38
C SER C 285 -5.43 13.20 25.03
N LEU C 286 -5.57 13.12 26.36
CA LEU C 286 -5.46 11.81 26.99
C LEU C 286 -6.52 10.85 26.47
N LYS C 287 -7.71 11.37 26.14
CA LYS C 287 -8.75 10.50 25.59
C LYS C 287 -8.36 10.01 24.20
N VAL C 288 -7.75 10.88 23.38
CA VAL C 288 -7.28 10.43 22.07
C VAL C 288 -6.16 9.41 22.23
N ILE C 289 -5.18 9.70 23.10
CA ILE C 289 -4.03 8.82 23.28
C ILE C 289 -4.47 7.43 23.68
N ALA C 290 -5.43 7.34 24.61
CA ALA C 290 -5.78 6.07 25.23
C ALA C 290 -6.68 5.20 24.37
N GLY C 291 -7.38 5.77 23.41
CA GLY C 291 -8.42 5.07 22.67
C GLY C 291 -7.96 4.49 21.33
N ASP C 292 -8.95 4.17 20.48
CA ASP C 292 -8.67 3.53 19.20
C ASP C 292 -7.80 4.38 18.31
N GLU C 293 -8.00 5.68 18.33
CA GLU C 293 -7.18 6.52 17.47
C GLU C 293 -5.74 6.51 17.93
N GLY C 294 -5.53 6.55 19.26
CA GLY C 294 -4.17 6.44 19.78
C GLY C 294 -3.52 5.13 19.40
N ASP C 295 -4.28 4.04 19.47
CA ASP C 295 -3.73 2.74 19.04
C ASP C 295 -3.36 2.74 17.57
N ALA C 296 -4.20 3.32 16.73
CA ALA C 296 -3.90 3.35 15.29
C ALA C 296 -2.69 4.22 15.00
N ARG C 297 -2.59 5.37 15.69
CA ARG C 297 -1.44 6.25 15.47
C ARG C 297 -0.15 5.57 15.93
N ARG C 298 -0.20 4.87 17.07
CA ARG C 298 1.01 4.16 17.53
C ARG C 298 1.41 3.08 16.56
N ALA C 299 0.41 2.36 16.01
CA ALA C 299 0.72 1.30 15.06
C ALA C 299 1.32 1.85 13.79
N HIS C 300 0.79 2.96 13.30
CA HIS C 300 1.39 3.59 12.13
C HIS C 300 2.79 4.09 12.44
N LEU C 301 2.99 4.69 13.62
CA LEU C 301 4.35 5.10 14.01
C LEU C 301 5.31 3.91 14.04
N ALA C 302 4.84 2.76 14.54
CA ALA C 302 5.71 1.58 14.53
C ALA C 302 6.08 1.17 13.12
N ALA C 303 5.13 1.26 12.18
CA ALA C 303 5.43 0.94 10.78
C ALA C 303 6.45 1.91 10.20
N LEU C 304 6.30 3.21 10.50
CA LEU C 304 7.27 4.20 10.03
C LEU C 304 8.65 3.90 10.61
N ILE C 305 8.69 3.45 11.87
CA ILE C 305 9.98 3.15 12.48
C ILE C 305 10.64 1.97 11.76
N GLU C 306 9.88 0.93 11.42
CA GLU C 306 10.45 -0.19 10.69
C GLU C 306 11.07 0.26 9.37
N ARG C 307 10.35 1.11 8.63
CA ARG C 307 10.85 1.59 7.34
CA ARG C 307 10.87 1.56 7.33
C ARG C 307 12.09 2.44 7.52
N THR C 308 12.07 3.28 8.56
CA THR C 308 13.14 4.27 8.74
C THR C 308 14.41 3.60 9.22
N ARG C 309 14.28 2.56 10.06
CA ARG C 309 15.46 1.81 10.49
C ARG C 309 16.28 1.34 9.29
N ALA C 310 15.60 0.85 8.25
CA ALA C 310 16.31 0.37 7.08
C ALA C 310 16.94 1.51 6.28
N LEU C 311 16.18 2.58 6.01
CA LEU C 311 16.71 3.61 5.13
C LEU C 311 17.87 4.37 5.78
N LEU C 312 17.88 4.43 7.11
N LEU C 312 17.89 4.48 7.10
CA LEU C 312 18.94 5.09 7.87
CA LEU C 312 18.99 5.18 7.76
C LEU C 312 20.29 4.43 7.66
C LEU C 312 20.31 4.43 7.65
N ARG C 313 20.31 3.19 7.16
CA ARG C 313 21.54 2.43 6.93
C ARG C 313 22.13 2.65 5.54
N ARG C 314 21.54 3.53 4.73
CA ARG C 314 21.89 3.59 3.31
C ARG C 314 22.85 4.73 2.98
N THR C 315 23.49 5.34 3.98
CA THR C 315 24.43 6.43 3.70
C THR C 315 25.82 6.07 4.17
N ARG C 316 26.77 6.98 3.94
CA ARG C 316 28.12 6.82 4.41
C ARG C 316 28.25 7.05 5.91
N TRP C 317 27.17 7.48 6.58
CA TRP C 317 27.18 7.92 7.97
C TRP C 317 26.74 6.75 8.85
N GLN C 318 26.71 6.99 10.18
CA GLN C 318 26.54 5.93 11.16
C GLN C 318 25.16 6.01 11.81
N PRO C 319 24.24 5.10 11.48
CA PRO C 319 22.94 5.14 12.13
C PRO C 319 23.05 4.66 13.56
N VAL C 320 22.30 5.29 14.44
CA VAL C 320 22.11 4.77 15.78
C VAL C 320 20.93 3.81 15.72
N ASP C 321 21.08 2.65 16.36
CA ASP C 321 20.13 1.56 16.40
C ASP C 321 19.00 1.90 17.37
N SER C 322 17.84 2.29 16.83
CA SER C 322 16.72 2.74 17.65
C SER C 322 15.44 2.04 17.24
N HIS C 323 14.64 1.64 18.22
CA HIS C 323 13.30 1.13 17.95
C HIS C 323 12.22 2.13 18.34
N THR C 324 12.57 3.39 18.61
CA THR C 324 11.62 4.45 18.93
C THR C 324 11.55 5.47 17.79
N ALA C 325 10.69 6.48 17.96
CA ALA C 325 10.53 7.49 16.92
C ALA C 325 11.77 8.34 16.70
N VAL C 326 12.71 8.32 17.64
CA VAL C 326 13.96 9.07 17.50
C VAL C 326 14.93 8.22 16.68
N GLN C 327 15.31 8.71 15.49
CA GLN C 327 16.12 7.94 14.55
C GLN C 327 17.36 8.75 14.21
N PRO C 328 18.42 8.65 15.00
CA PRO C 328 19.58 9.54 14.82
C PRO C 328 20.54 8.98 13.80
N LEU C 329 21.16 9.89 13.06
CA LEU C 329 22.17 9.53 12.07
C LEU C 329 23.42 10.35 12.36
N VAL C 330 24.46 9.70 12.88
CA VAL C 330 25.64 10.41 13.35
C VAL C 330 26.55 10.71 12.18
N ILE C 331 26.93 11.97 12.04
CA ILE C 331 27.75 12.43 10.95
C ILE C 331 29.16 12.80 11.41
N GLY C 332 29.29 13.44 12.56
CA GLY C 332 30.60 13.67 13.11
C GLY C 332 30.82 15.13 13.47
N SER C 333 31.41 15.90 12.57
CA SER C 333 31.74 17.28 12.88
C SER C 333 30.50 18.17 12.79
N ASN C 334 30.60 19.36 13.39
CA ASN C 334 29.51 20.32 13.27
C ASN C 334 29.28 20.72 11.81
N GLU C 335 30.35 20.98 11.07
N GLU C 335 30.34 21.00 11.07
CA GLU C 335 30.18 21.52 9.72
CA GLU C 335 30.15 21.51 9.70
C GLU C 335 29.67 20.44 8.75
C GLU C 335 29.61 20.43 8.78
N ALA C 336 30.10 19.19 8.92
CA ALA C 336 29.59 18.13 8.07
C ALA C 336 28.11 17.85 8.38
N THR C 337 27.71 17.98 9.63
CA THR C 337 26.31 17.78 9.99
C THR C 337 25.45 18.91 9.44
N LEU C 338 25.92 20.16 9.54
CA LEU C 338 25.18 21.27 8.97
C LEU C 338 25.07 21.12 7.46
N ALA C 339 26.15 20.69 6.80
CA ALA C 339 26.08 20.54 5.35
C ALA C 339 25.04 19.51 4.95
N ALA C 340 24.96 18.41 5.69
CA ALA C 340 23.95 17.40 5.39
C ALA C 340 22.55 17.94 5.61
N MET C 341 22.36 18.71 6.68
CA MET C 341 21.05 19.32 6.93
C MET C 341 20.67 20.24 5.78
N ARG C 342 21.62 21.08 5.33
CA ARG C 342 21.35 22.04 4.25
CA ARG C 342 21.29 22.03 4.27
C ARG C 342 21.06 21.32 2.94
N ALA C 343 21.72 20.18 2.70
CA ALA C 343 21.43 19.41 1.50
C ALA C 343 19.98 18.92 1.51
N LEU C 344 19.52 18.48 2.69
CA LEU C 344 18.14 18.02 2.81
C LEU C 344 17.17 19.20 2.70
N ASP C 345 17.51 20.34 3.29
CA ASP C 345 16.68 21.55 3.14
C ASP C 345 16.48 21.87 1.67
N ALA C 346 17.48 21.58 0.83
CA ALA C 346 17.33 21.85 -0.59
C ALA C 346 16.35 20.89 -1.27
N HIS C 347 16.06 19.75 -0.65
CA HIS C 347 15.04 18.82 -1.12
C HIS C 347 13.69 19.05 -0.44
N GLY C 348 13.52 20.18 0.26
CA GLY C 348 12.27 20.46 0.94
C GLY C 348 12.03 19.68 2.22
N LEU C 349 13.08 19.17 2.86
CA LEU C 349 12.98 18.37 4.06
C LEU C 349 13.73 19.06 5.18
N TRP C 350 13.17 19.08 6.37
CA TRP C 350 13.88 19.63 7.52
C TRP C 350 14.23 18.49 8.47
N VAL C 351 15.50 18.13 8.51
CA VAL C 351 16.00 17.15 9.49
C VAL C 351 17.09 17.88 10.25
N PRO C 352 16.87 18.19 11.53
CA PRO C 352 17.75 19.15 12.20
C PRO C 352 19.09 18.55 12.58
N ALA C 353 20.12 19.39 12.43
CA ALA C 353 21.44 19.11 13.00
C ALA C 353 21.38 19.28 14.51
N ILE C 354 21.99 18.34 15.22
CA ILE C 354 22.14 18.37 16.67
C ILE C 354 23.64 18.37 16.95
N ARG C 355 24.10 19.31 17.80
CA ARG C 355 25.50 19.57 18.04
C ARG C 355 25.76 19.71 19.53
N PRO C 356 27.00 19.69 19.97
CA PRO C 356 27.31 20.11 21.35
C PRO C 356 26.65 21.45 21.66
N PRO C 357 26.25 21.68 22.91
CA PRO C 357 26.50 20.81 24.06
C PRO C 357 25.47 19.68 24.23
N THR C 358 24.51 19.57 23.29
CA THR C 358 23.44 18.59 23.42
C THR C 358 23.99 17.18 23.35
N VAL C 359 24.97 16.96 22.48
CA VAL C 359 25.56 15.63 22.28
C VAL C 359 27.06 15.77 22.41
N PRO C 360 27.76 14.66 22.61
CA PRO C 360 29.22 14.72 22.79
C PRO C 360 29.93 15.22 21.53
N ALA C 361 31.02 15.94 21.74
CA ALA C 361 31.83 16.40 20.63
C ALA C 361 32.21 15.22 19.75
N GLY C 362 32.17 15.44 18.44
CA GLY C 362 32.47 14.38 17.50
C GLY C 362 31.32 13.47 17.17
N THR C 363 30.14 13.69 17.76
CA THR C 363 28.96 12.91 17.44
C THR C 363 27.80 13.80 16.99
N SER C 364 28.11 14.93 16.37
CA SER C 364 27.03 15.74 15.82
C SER C 364 26.27 14.91 14.79
N ARG C 365 24.96 15.13 14.69
CA ARG C 365 24.11 14.14 14.07
C ARG C 365 22.86 14.80 13.54
N LEU C 366 22.24 14.15 12.55
CA LEU C 366 20.90 14.50 12.15
C LEU C 366 19.94 13.75 13.04
N ARG C 367 18.89 14.43 13.50
CA ARG C 367 17.87 13.77 14.34
C ARG C 367 16.59 13.65 13.54
N ILE C 368 16.37 12.47 12.94
N ILE C 368 16.34 12.46 12.98
CA ILE C 368 15.08 12.22 12.32
CA ILE C 368 15.09 12.21 12.29
C ILE C 368 14.11 11.91 13.44
C ILE C 368 14.06 11.81 13.34
N SER C 369 13.09 12.75 13.60
N SER C 369 13.16 12.72 13.67
CA SER C 369 12.05 12.51 14.60
CA SER C 369 12.11 12.42 14.64
C SER C 369 10.79 12.13 13.82
C SER C 369 10.82 12.13 13.89
N LEU C 370 10.33 10.89 14.00
CA LEU C 370 9.14 10.45 13.29
C LEU C 370 7.86 10.84 14.03
N SER C 371 6.81 11.06 13.24
CA SER C 371 5.47 11.40 13.73
C SER C 371 4.47 10.49 13.04
N ALA C 372 3.40 10.09 13.77
CA ALA C 372 2.33 9.36 13.11
C ALA C 372 1.71 10.18 11.96
N ALA C 373 1.96 11.50 11.92
CA ALA C 373 1.48 12.26 10.77
C ALA C 373 2.27 12.01 9.49
N HIS C 374 3.49 11.46 9.59
CA HIS C 374 4.30 11.19 8.40
C HIS C 374 3.70 10.06 7.59
N SER C 375 3.92 10.12 6.29
CA SER C 375 3.52 9.07 5.36
C SER C 375 4.71 8.25 4.87
N PHE C 376 4.42 7.10 4.23
CA PHE C 376 5.52 6.40 3.56
C PHE C 376 6.08 7.19 2.39
N ASP C 377 5.26 8.04 1.76
CA ASP C 377 5.78 8.96 0.76
C ASP C 377 6.81 9.91 1.35
N ASP C 378 6.53 10.44 2.54
CA ASP C 378 7.51 11.28 3.22
C ASP C 378 8.80 10.53 3.45
N LEU C 379 8.71 9.26 3.88
CA LEU C 379 9.93 8.48 4.08
C LEU C 379 10.66 8.19 2.77
N ALA C 380 9.93 8.01 1.66
CA ALA C 380 10.59 7.82 0.36
C ALA C 380 11.36 9.07 -0.03
N ARG C 381 10.78 10.25 0.20
CA ARG C 381 11.51 11.50 -0.07
C ARG C 381 12.74 11.61 0.81
N LEU C 382 12.61 11.24 2.08
CA LEU C 382 13.74 11.27 2.99
C LEU C 382 14.85 10.35 2.52
N GLU C 383 14.50 9.13 2.12
CA GLU C 383 15.52 8.18 1.65
C GLU C 383 16.25 8.72 0.43
N THR C 384 15.50 9.24 -0.54
CA THR C 384 16.12 9.77 -1.75
C THR C 384 17.06 10.92 -1.44
N ALA C 385 16.61 11.86 -0.61
CA ALA C 385 17.42 13.01 -0.25
C ALA C 385 18.67 12.58 0.50
N LEU C 386 18.54 11.62 1.41
CA LEU C 386 19.70 11.16 2.16
C LEU C 386 20.73 10.51 1.24
N LEU C 387 20.26 9.73 0.26
CA LEU C 387 21.16 9.13 -0.71
C LEU C 387 21.93 10.20 -1.49
N ARG C 388 21.25 11.27 -1.89
CA ARG C 388 21.93 12.33 -2.61
C ARG C 388 22.87 13.11 -1.70
N ALA C 389 22.42 13.44 -0.48
CA ALA C 389 23.28 14.14 0.48
C ALA C 389 24.54 13.34 0.78
N SER C 390 24.40 12.02 0.92
CA SER C 390 25.58 11.20 1.14
C SER C 390 26.51 11.19 -0.07
N GLU C 391 25.94 11.15 -1.29
CA GLU C 391 26.76 11.17 -2.49
C GLU C 391 27.57 12.46 -2.58
N GLU C 392 26.93 13.58 -2.24
CA GLU C 392 27.52 14.90 -2.33
C GLU C 392 28.61 15.14 -1.29
N ALA C 393 28.57 14.43 -0.16
CA ALA C 393 29.54 14.64 0.91
C ALA C 393 30.94 14.16 0.53
#